data_7U9S
#
_entry.id   7U9S
#
_cell.length_a   123.091
_cell.length_b   73.155
_cell.length_c   80.190
_cell.angle_alpha   90.000
_cell.angle_beta   90.000
_cell.angle_gamma   90.000
#
_symmetry.space_group_name_H-M   'P 21 21 2'
#
loop_
_entity.id
_entity.type
_entity.pdbx_description
1 polymer 'D-amino-acid oxidase'
2 non-polymer 'FLAVIN-ADENINE DINUCLEOTIDE'
3 non-polymer 5-{2-[4-(trifluoromethyl)phenyl]ethyl}-1,4-dihydropyrazine-2,3-dione
4 water water
#
_entity_poly.entity_id   1
_entity_poly.type   'polypeptide(L)'
_entity_poly.pdbx_seq_one_letter_code
;MRVVVIGAGVIGLSTALCIHERYHSVLQPLDIKVYADRFTPLTTTDVAAGLWQPYLSDPNNPQEADWSQQTFDYLLSHVH
SPNAENLGLFLISGYNLFHEAIPDPSWKDTVLGFRKLTPRELDMFPDYGYGWFHTSLILEGKNYLQWLTERLTERGVKFF
QRKVESFEEVAREGADVIVNCTGVWAGALQRDPLLQPGRGQIMKVDAPWMKHFILTHDPERGIYNSPYIIPGTQTVTLGG
IFQLGNWSELNNIQDHNTIWEGCCRLEPTLKNARIIGERTGFRPVRPQIRLEREQLRTGPSNTEVIHNYGHGGYGLTIHW
GCALEAAKLFGRILEEKKLSRMPPSHL
;
_entity_poly.pdbx_strand_id   A,B
#
# COMPACT_ATOMS: atom_id res chain seq x y z
N MET A 1 7.14 17.22 -28.96
CA MET A 1 5.90 17.34 -28.16
C MET A 1 6.19 16.93 -26.72
N ARG A 2 6.07 17.87 -25.79
CA ARG A 2 6.21 17.56 -24.37
C ARG A 2 4.83 17.27 -23.79
N VAL A 3 4.64 16.03 -23.35
CA VAL A 3 3.39 15.56 -22.79
C VAL A 3 3.64 15.13 -21.34
N VAL A 4 2.70 15.46 -20.46
CA VAL A 4 2.79 15.06 -19.06
C VAL A 4 1.47 14.43 -18.67
N VAL A 5 1.49 13.13 -18.39
CA VAL A 5 0.32 12.48 -17.80
C VAL A 5 0.42 12.68 -16.29
N ILE A 6 -0.66 13.20 -15.70
CA ILE A 6 -0.75 13.23 -14.25
C ILE A 6 -1.57 12.01 -13.86
N GLY A 7 -0.93 11.08 -13.15
CA GLY A 7 -1.61 9.89 -12.65
C GLY A 7 -0.99 8.59 -13.09
N ALA A 8 -0.91 7.63 -12.17
CA ALA A 8 -0.35 6.32 -12.44
C ALA A 8 -1.22 5.18 -11.93
N GLY A 9 -2.52 5.39 -12.05
CA GLY A 9 -3.46 4.28 -11.95
C GLY A 9 -3.78 3.75 -13.33
N VAL A 10 -4.80 2.91 -13.43
CA VAL A 10 -5.12 2.25 -14.71
C VAL A 10 -5.37 3.23 -15.85
N ILE A 11 -6.09 4.30 -15.53
CA ILE A 11 -6.45 5.29 -16.52
C ILE A 11 -5.24 6.07 -17.02
N GLY A 12 -4.34 6.45 -16.12
CA GLY A 12 -3.18 7.23 -16.54
C GLY A 12 -2.14 6.41 -17.28
N LEU A 13 -1.85 5.21 -16.78
CA LEU A 13 -0.86 4.38 -17.46
C LEU A 13 -1.33 3.87 -18.82
N SER A 14 -2.61 3.47 -18.92
CA SER A 14 -3.14 3.03 -20.22
C SER A 14 -3.24 4.16 -21.23
N THR A 15 -3.56 5.35 -20.76
CA THR A 15 -3.63 6.52 -21.63
C THR A 15 -2.22 6.91 -22.11
N ALA A 16 -1.23 6.86 -21.22
CA ALA A 16 0.18 7.03 -21.58
C ALA A 16 0.66 6.08 -22.68
N LEU A 17 0.29 4.82 -22.51
CA LEU A 17 0.60 3.78 -23.49
C LEU A 17 -0.08 4.04 -24.82
N CYS A 18 -1.37 4.33 -24.78
CA CYS A 18 -2.14 4.57 -26.00
C CYS A 18 -1.76 5.81 -26.81
N ILE A 19 -1.38 6.88 -26.11
CA ILE A 19 -0.82 8.05 -26.77
C ILE A 19 0.51 7.73 -27.48
N HIS A 20 1.41 7.03 -26.78
CA HIS A 20 2.68 6.63 -27.38
C HIS A 20 2.52 5.68 -28.56
N GLU A 21 1.69 4.66 -28.36
CA GLU A 21 1.47 3.61 -29.34
C GLU A 21 0.72 4.05 -30.60
N ARG A 22 0.18 5.26 -30.60
CA ARG A 22 -0.51 5.79 -31.76
C ARG A 22 0.16 7.02 -32.35
N TYR A 23 0.88 7.78 -31.53
CA TYR A 23 1.29 9.13 -31.94
C TYR A 23 2.75 9.45 -31.71
N HIS A 24 3.51 8.53 -31.13
CA HIS A 24 4.96 8.68 -31.16
C HIS A 24 5.43 8.05 -32.45
N SER A 25 5.85 8.90 -33.37
CA SER A 25 6.15 8.52 -34.74
C SER A 25 7.58 8.90 -35.08
N VAL A 26 8.02 8.39 -36.22
CA VAL A 26 9.20 8.89 -36.89
C VAL A 26 9.14 10.39 -37.17
N LEU A 27 8.01 10.82 -37.72
CA LEU A 27 7.80 12.23 -38.04
C LEU A 27 7.61 13.12 -36.82
N GLN A 28 6.75 12.75 -35.87
CA GLN A 28 6.62 13.46 -34.59
C GLN A 28 6.96 12.54 -33.42
N PRO A 29 8.13 12.65 -32.80
CA PRO A 29 8.37 12.01 -31.51
C PRO A 29 7.74 12.76 -30.33
N LEU A 30 7.28 12.01 -29.34
CA LEU A 30 6.72 12.58 -28.12
C LEU A 30 7.69 12.37 -26.96
N ASP A 31 7.77 13.34 -26.05
CA ASP A 31 8.29 13.09 -24.71
C ASP A 31 7.07 12.95 -23.81
N ILE A 32 6.83 11.75 -23.29
CA ILE A 32 5.72 11.47 -22.41
C ILE A 32 6.32 11.26 -21.02
N LYS A 33 5.91 12.10 -20.08
CA LYS A 33 6.21 11.89 -18.66
C LYS A 33 4.98 11.38 -17.94
N VAL A 34 5.21 10.76 -16.78
CA VAL A 34 4.15 10.41 -15.86
C VAL A 34 4.52 11.02 -14.50
N TYR A 35 3.70 11.95 -14.02
CA TYR A 35 3.87 12.50 -12.68
C TYR A 35 2.77 11.89 -11.82
N ALA A 36 3.13 11.30 -10.69
CA ALA A 36 2.13 10.70 -9.80
C ALA A 36 2.54 10.90 -8.36
N ASP A 37 1.56 10.99 -7.47
CA ASP A 37 1.87 11.14 -6.05
C ASP A 37 2.02 9.77 -5.40
N ARG A 38 1.23 8.80 -5.86
CA ARG A 38 1.36 7.40 -5.49
C ARG A 38 1.36 6.53 -6.72
N PHE A 39 2.18 5.48 -6.68
CA PHE A 39 2.27 4.45 -7.70
C PHE A 39 1.88 3.10 -7.10
N THR A 40 1.80 2.07 -7.93
CA THR A 40 1.63 0.68 -7.50
C THR A 40 2.63 0.23 -6.41
N PRO A 41 2.23 -0.56 -5.40
CA PRO A 41 0.90 -1.11 -5.16
C PRO A 41 -0.06 -0.21 -4.35
N LEU A 42 0.13 1.10 -4.41
CA LEU A 42 -0.47 2.01 -3.41
C LEU A 42 -1.62 2.86 -3.97
N THR A 43 -2.30 2.41 -5.03
CA THR A 43 -3.33 3.22 -5.69
C THR A 43 -4.72 2.58 -5.53
N THR A 44 -5.78 3.31 -5.91
CA THR A 44 -7.15 2.73 -5.94
C THR A 44 -7.27 1.51 -6.84
N THR A 45 -6.53 1.56 -7.94
CA THR A 45 -6.58 0.49 -8.94
C THR A 45 -6.02 -0.83 -8.37
N ASP A 46 -5.11 -0.72 -7.43
CA ASP A 46 -4.48 -1.88 -6.80
C ASP A 46 -5.37 -2.57 -5.77
N VAL A 47 -6.34 -1.83 -5.24
CA VAL A 47 -7.32 -2.37 -4.31
C VAL A 47 -8.33 -3.29 -5.02
N ALA A 48 -8.63 -2.92 -6.25
CA ALA A 48 -9.74 -3.49 -6.99
C ALA A 48 -9.52 -4.94 -7.40
N ALA A 49 -10.59 -5.73 -7.27
CA ALA A 49 -10.56 -7.13 -7.72
C ALA A 49 -10.33 -7.25 -9.23
N GLY A 50 -11.11 -6.46 -9.95
CA GLY A 50 -10.83 -6.27 -11.37
C GLY A 50 -11.72 -7.05 -12.29
N LEU A 51 -12.91 -7.38 -11.79
CA LEU A 51 -13.92 -8.07 -12.58
C LEU A 51 -14.51 -7.12 -13.60
N TRP A 52 -14.59 -7.55 -14.85
CA TRP A 52 -15.28 -6.75 -15.85
C TRP A 52 -16.78 -6.87 -15.60
N GLN A 53 -17.41 -5.74 -15.28
CA GLN A 53 -18.87 -5.64 -15.21
C GLN A 53 -19.26 -4.18 -15.03
N PRO A 54 -19.98 -3.54 -15.97
CA PRO A 54 -20.55 -2.20 -15.76
C PRO A 54 -21.64 -2.13 -14.69
N TYR A 55 -22.22 -0.95 -14.53
CA TYR A 55 -23.40 -0.79 -13.66
C TYR A 55 -24.63 -1.53 -14.23
N LEU A 56 -25.66 -1.64 -13.39
CA LEU A 56 -26.90 -2.30 -13.80
C LEU A 56 -27.81 -1.38 -14.59
N SER A 57 -27.72 -0.09 -14.32
CA SER A 57 -28.39 0.92 -15.14
C SER A 57 -27.56 1.21 -16.38
N ASP A 58 -28.23 1.53 -17.48
CA ASP A 58 -27.57 2.07 -18.67
C ASP A 58 -26.79 3.35 -18.35
N PRO A 59 -25.59 3.59 -18.92
CA PRO A 59 -24.76 4.70 -18.49
C PRO A 59 -25.21 6.03 -19.06
N ASN A 60 -24.86 7.09 -18.32
CA ASN A 60 -25.30 8.45 -18.63
C ASN A 60 -24.85 8.95 -19.99
N ASN A 61 -23.54 8.89 -20.24
CA ASN A 61 -23.06 8.99 -21.61
C ASN A 61 -23.12 7.57 -22.17
N PRO A 62 -23.89 7.29 -23.22
CA PRO A 62 -23.95 5.94 -23.77
C PRO A 62 -22.75 5.58 -24.63
N GLN A 63 -21.79 6.50 -24.85
CA GLN A 63 -20.48 6.09 -25.34
C GLN A 63 -19.74 5.19 -24.37
N GLU A 64 -20.06 5.29 -23.08
CA GLU A 64 -19.49 4.41 -22.08
C GLU A 64 -19.86 2.94 -22.25
N ALA A 65 -21.02 2.69 -22.88
CA ALA A 65 -21.38 1.34 -23.32
C ALA A 65 -20.40 0.77 -24.33
N ASP A 66 -20.10 1.58 -25.34
CA ASP A 66 -19.09 1.26 -26.35
C ASP A 66 -17.70 1.07 -25.76
N TRP A 67 -17.30 2.02 -24.92
CA TRP A 67 -15.97 1.97 -24.31
C TRP A 67 -15.74 0.74 -23.44
N SER A 68 -16.82 0.30 -22.78
CA SER A 68 -16.76 -0.90 -21.96
C SER A 68 -16.69 -2.15 -22.82
N GLN A 69 -17.48 -2.18 -23.90
CA GLN A 69 -17.44 -3.30 -24.84
C GLN A 69 -16.10 -3.45 -25.56
N GLN A 70 -15.54 -2.32 -25.98
CA GLN A 70 -14.20 -2.26 -26.55
C GLN A 70 -13.11 -2.83 -25.65
N THR A 71 -13.28 -2.57 -24.36
CA THR A 71 -12.34 -3.06 -23.36
C THR A 71 -12.51 -4.57 -23.17
N PHE A 72 -13.76 -5.06 -23.17
CA PHE A 72 -14.00 -6.51 -23.08
C PHE A 72 -13.42 -7.29 -24.25
N ASP A 73 -13.66 -6.78 -25.45
CA ASP A 73 -13.14 -7.38 -26.67
C ASP A 73 -11.62 -7.40 -26.76
N TYR A 74 -11.01 -6.33 -26.27
CA TYR A 74 -9.55 -6.28 -26.18
C TYR A 74 -8.99 -7.36 -25.27
N LEU A 75 -9.66 -7.55 -24.15
CA LEU A 75 -9.14 -8.49 -23.17
C LEU A 75 -9.49 -9.93 -23.53
N LEU A 76 -10.67 -10.17 -24.12
CA LEU A 76 -11.03 -11.50 -24.60
C LEU A 76 -10.14 -12.01 -25.72
N SER A 77 -9.70 -11.11 -26.59
CA SER A 77 -8.71 -11.47 -27.61
C SER A 77 -7.33 -11.88 -27.08
N HIS A 78 -7.11 -11.72 -25.78
CA HIS A 78 -5.82 -12.00 -25.16
C HIS A 78 -5.87 -12.99 -24.01
N VAL A 79 -7.06 -13.44 -23.61
CA VAL A 79 -7.15 -14.21 -22.36
C VAL A 79 -6.50 -15.59 -22.42
N HIS A 80 -6.47 -16.17 -23.61
CA HIS A 80 -5.88 -17.49 -23.81
C HIS A 80 -4.44 -17.41 -24.29
N SER A 81 -3.87 -16.21 -24.34
CA SER A 81 -2.50 -16.05 -24.74
CA SER A 81 -2.47 -16.08 -24.76
C SER A 81 -1.58 -16.25 -23.54
N PRO A 82 -0.35 -16.75 -23.71
CA PRO A 82 0.46 -17.18 -22.58
C PRO A 82 0.91 -16.05 -21.65
N ASN A 83 1.07 -14.88 -22.24
CA ASN A 83 1.28 -13.63 -21.52
C ASN A 83 0.09 -13.07 -20.74
N ALA A 84 -1.06 -13.73 -20.77
CA ALA A 84 -2.22 -13.33 -19.96
C ALA A 84 -1.96 -13.33 -18.46
N GLU A 85 -1.04 -14.22 -18.07
CA GLU A 85 -0.44 -14.30 -16.74
C GLU A 85 0.14 -12.97 -16.27
N ASN A 86 0.85 -12.30 -17.17
CA ASN A 86 1.55 -11.05 -16.83
C ASN A 86 0.60 -9.88 -16.64
N LEU A 87 -0.47 -9.85 -17.43
CA LEU A 87 -1.48 -8.82 -17.25
C LEU A 87 -2.41 -9.13 -16.08
N GLY A 88 -2.50 -10.40 -15.71
CA GLY A 88 -3.42 -10.81 -14.67
C GLY A 88 -4.83 -11.03 -15.19
N LEU A 89 -4.90 -11.47 -16.44
CA LEU A 89 -6.15 -11.55 -17.19
C LEU A 89 -6.62 -13.01 -17.15
N PHE A 90 -7.88 -13.26 -16.83
CA PHE A 90 -8.43 -14.62 -16.83
C PHE A 90 -9.95 -14.64 -16.94
N LEU A 91 -10.54 -15.74 -17.42
CA LEU A 91 -12.01 -15.90 -17.48
C LEU A 91 -12.58 -16.39 -16.16
N ILE A 92 -13.76 -15.87 -15.79
CA ILE A 92 -14.50 -16.32 -14.60
C ILE A 92 -15.99 -16.33 -14.93
N SER A 93 -16.70 -17.33 -14.42
CA SER A 93 -18.16 -17.36 -14.51
C SER A 93 -18.78 -17.10 -13.15
N GLY A 94 -20.09 -16.90 -13.11
CA GLY A 94 -20.72 -16.68 -11.82
C GLY A 94 -22.01 -15.89 -11.85
N TYR A 95 -22.41 -15.51 -10.64
CA TYR A 95 -23.79 -15.23 -10.31
C TYR A 95 -24.02 -13.75 -10.03
N ASN A 96 -25.13 -13.23 -10.55
CA ASN A 96 -25.67 -11.94 -10.12
C ASN A 96 -27.04 -12.22 -9.53
N LEU A 97 -27.18 -11.96 -8.23
CA LEU A 97 -28.39 -12.36 -7.50
C LEU A 97 -29.20 -11.14 -7.06
N PHE A 98 -30.52 -11.24 -7.23
CA PHE A 98 -31.45 -10.17 -6.92
C PHE A 98 -32.58 -10.73 -6.07
N HIS A 99 -33.17 -9.89 -5.23
CA HIS A 99 -34.31 -10.35 -4.42
C HIS A 99 -35.57 -10.50 -5.30
N GLU A 100 -35.80 -9.50 -6.15
CA GLU A 100 -36.91 -9.51 -7.10
C GLU A 100 -36.42 -9.62 -8.54
N ALA A 101 -37.37 -9.80 -9.46
CA ALA A 101 -37.16 -9.63 -10.89
C ALA A 101 -36.57 -8.29 -11.31
N ILE A 102 -35.74 -8.30 -12.35
CA ILE A 102 -35.12 -7.09 -12.89
C ILE A 102 -34.91 -7.32 -14.39
N PRO A 103 -35.01 -6.33 -15.29
CA PRO A 103 -34.73 -6.57 -16.72
C PRO A 103 -33.26 -6.79 -17.03
N ASP A 104 -33.02 -7.27 -18.24
CA ASP A 104 -31.67 -7.66 -18.67
C ASP A 104 -30.75 -6.44 -18.81
N PRO A 105 -29.45 -6.57 -18.53
CA PRO A 105 -28.54 -5.42 -18.55
C PRO A 105 -28.16 -5.02 -19.96
N SER A 106 -27.71 -3.77 -20.08
CA SER A 106 -27.22 -3.21 -21.34
C SER A 106 -25.82 -3.69 -21.76
N TRP A 107 -25.45 -4.87 -21.28
CA TRP A 107 -24.16 -5.50 -21.54
C TRP A 107 -24.25 -7.00 -21.73
N LYS A 108 -25.47 -7.56 -21.78
CA LYS A 108 -25.58 -9.02 -21.71
C LYS A 108 -25.07 -9.79 -22.92
N ASP A 109 -24.95 -9.08 -24.04
CA ASP A 109 -24.36 -9.65 -25.24
C ASP A 109 -22.88 -9.34 -25.37
N THR A 110 -22.31 -8.60 -24.41
CA THR A 110 -20.87 -8.36 -24.39
C THR A 110 -20.19 -9.55 -23.71
N VAL A 111 -20.73 -9.98 -22.58
CA VAL A 111 -20.22 -11.15 -21.87
C VAL A 111 -20.53 -12.45 -22.62
N LEU A 112 -19.90 -13.55 -22.24
CA LEU A 112 -20.19 -14.81 -22.91
C LEU A 112 -21.23 -15.60 -22.11
N GLY A 113 -22.22 -16.13 -22.80
CA GLY A 113 -23.04 -17.18 -22.21
C GLY A 113 -24.06 -16.70 -21.19
N PHE A 114 -24.68 -15.56 -21.49
CA PHE A 114 -25.56 -14.93 -20.50
C PHE A 114 -26.93 -15.57 -20.49
N ARG A 115 -27.41 -15.79 -19.28
CA ARG A 115 -28.67 -16.47 -19.06
C ARG A 115 -29.26 -16.06 -17.73
N LYS A 116 -30.55 -16.34 -17.55
CA LYS A 116 -31.10 -16.33 -16.20
C LYS A 116 -30.74 -17.63 -15.51
N LEU A 117 -30.69 -17.55 -14.19
CA LEU A 117 -30.57 -18.74 -13.37
C LEU A 117 -31.85 -19.56 -13.41
N THR A 118 -31.66 -20.87 -13.44
CA THR A 118 -32.76 -21.81 -13.25
C THR A 118 -33.23 -21.80 -11.79
N PRO A 119 -34.48 -22.21 -11.50
CA PRO A 119 -34.93 -22.43 -10.12
C PRO A 119 -34.05 -23.30 -9.25
N ARG A 120 -33.42 -24.30 -9.85
CA ARG A 120 -32.52 -25.18 -9.12
C ARG A 120 -31.23 -24.50 -8.68
N GLU A 121 -30.74 -23.60 -9.53
CA GLU A 121 -29.63 -22.75 -9.14
C GLU A 121 -30.04 -21.70 -8.13
N LEU A 122 -31.24 -21.16 -8.29
CA LEU A 122 -31.76 -20.19 -7.32
C LEU A 122 -32.01 -20.81 -5.94
N ASP A 123 -32.42 -22.08 -5.90
CA ASP A 123 -32.51 -22.85 -4.67
C ASP A 123 -31.20 -22.98 -3.88
N MET A 124 -30.06 -22.74 -4.52
CA MET A 124 -28.80 -22.73 -3.79
C MET A 124 -28.62 -21.50 -2.89
N PHE A 125 -29.38 -20.45 -3.15
CA PHE A 125 -29.21 -19.18 -2.45
C PHE A 125 -30.55 -18.77 -1.81
N PRO A 126 -30.90 -19.19 -0.59
CA PRO A 126 -32.20 -18.93 0.03
C PRO A 126 -32.74 -17.51 0.05
N ASP A 127 -31.83 -16.55 0.17
CA ASP A 127 -32.20 -15.15 0.20
C ASP A 127 -32.53 -14.54 -1.15
N TYR A 128 -32.32 -15.28 -2.23
CA TYR A 128 -32.30 -14.68 -3.57
C TYR A 128 -33.15 -15.49 -4.52
N GLY A 129 -34.22 -14.88 -5.02
CA GLY A 129 -35.16 -15.59 -5.87
C GLY A 129 -35.09 -15.24 -7.33
N TYR A 130 -34.13 -14.39 -7.71
CA TYR A 130 -33.93 -14.04 -9.11
C TYR A 130 -32.44 -13.85 -9.39
N GLY A 131 -32.02 -14.10 -10.63
CA GLY A 131 -30.62 -13.83 -10.95
C GLY A 131 -30.15 -14.31 -12.30
N TRP A 132 -28.90 -13.96 -12.58
CA TRP A 132 -28.24 -14.27 -13.86
C TRP A 132 -27.03 -15.17 -13.65
N PHE A 133 -26.64 -15.81 -14.75
CA PHE A 133 -25.34 -16.47 -14.85
C PHE A 133 -24.68 -16.00 -16.14
N HIS A 134 -23.37 -15.76 -16.11
CA HIS A 134 -22.60 -15.50 -17.33
C HIS A 134 -21.12 -15.73 -17.10
N THR A 135 -20.34 -15.64 -18.17
CA THR A 135 -18.88 -15.70 -18.10
C THR A 135 -18.32 -14.35 -18.51
N SER A 136 -17.41 -13.84 -17.68
CA SER A 136 -16.73 -12.58 -17.89
C SER A 136 -15.24 -12.79 -17.69
N LEU A 137 -14.53 -11.68 -17.55
CA LEU A 137 -13.09 -11.63 -17.38
C LEU A 137 -12.76 -10.90 -16.08
N ILE A 138 -11.67 -11.32 -15.43
CA ILE A 138 -11.01 -10.49 -14.43
C ILE A 138 -9.69 -10.02 -15.03
N LEU A 139 -9.36 -8.76 -14.78
CA LEU A 139 -8.06 -8.17 -15.08
C LEU A 139 -7.53 -7.64 -13.74
N GLU A 140 -6.59 -8.37 -13.16
CA GLU A 140 -6.07 -8.06 -11.84
C GLU A 140 -5.33 -6.73 -11.78
N GLY A 141 -5.65 -5.92 -10.79
CA GLY A 141 -5.26 -4.52 -10.87
C GLY A 141 -3.81 -4.22 -10.57
N LYS A 142 -3.24 -4.94 -9.60
CA LYS A 142 -1.80 -4.77 -9.32
C LYS A 142 -0.94 -5.32 -10.45
N ASN A 143 -1.36 -6.44 -11.01
CA ASN A 143 -0.67 -7.07 -12.12
C ASN A 143 -0.63 -6.24 -13.39
N TYR A 144 -1.79 -5.69 -13.74
CA TYR A 144 -1.85 -4.88 -14.95
C TYR A 144 -1.07 -3.57 -14.80
N LEU A 145 -1.11 -2.96 -13.61
CA LEU A 145 -0.25 -1.80 -13.33
C LEU A 145 1.24 -2.08 -13.43
N GLN A 146 1.66 -3.22 -12.89
CA GLN A 146 3.02 -3.71 -13.06
CA GLN A 146 3.03 -3.66 -13.07
C GLN A 146 3.44 -3.82 -14.53
N TRP A 147 2.61 -4.52 -15.29
CA TRP A 147 2.85 -4.77 -16.69
C TRP A 147 2.81 -3.53 -17.58
N LEU A 148 1.89 -2.61 -17.28
CA LEU A 148 1.80 -1.34 -17.99
C LEU A 148 3.03 -0.46 -17.78
N THR A 149 3.51 -0.45 -16.54
CA THR A 149 4.71 0.32 -16.16
C THR A 149 5.96 -0.19 -16.89
N GLU A 150 5.96 -1.50 -17.11
CA GLU A 150 7.01 -2.21 -17.82
C GLU A 150 7.03 -1.82 -19.30
N ARG A 151 5.86 -1.89 -19.93
CA ARG A 151 5.63 -1.41 -21.30
C ARG A 151 6.00 0.07 -21.51
N LEU A 152 5.64 0.91 -20.54
CA LEU A 152 5.97 2.33 -20.58
C LEU A 152 7.47 2.59 -20.49
N THR A 153 8.14 1.94 -19.54
CA THR A 153 9.58 2.09 -19.36
C THR A 153 10.36 1.63 -20.60
N GLU A 154 9.91 0.51 -21.15
CA GLU A 154 10.38 -0.06 -22.41
C GLU A 154 10.28 0.86 -23.61
N ARG A 155 9.26 1.72 -23.60
CA ARG A 155 9.05 2.75 -24.61
C ARG A 155 9.63 4.11 -24.24
N GLY A 156 10.37 4.18 -23.15
CA GLY A 156 11.10 5.40 -22.85
C GLY A 156 10.37 6.43 -22.00
N VAL A 157 9.17 6.07 -21.54
CA VAL A 157 8.42 6.94 -20.64
C VAL A 157 9.11 6.99 -19.27
N LYS A 158 9.16 8.19 -18.69
CA LYS A 158 9.83 8.42 -17.42
C LYS A 158 8.78 8.72 -16.34
N PHE A 159 9.03 8.20 -15.15
CA PHE A 159 8.12 8.38 -14.02
C PHE A 159 8.76 9.23 -12.94
N PHE A 160 7.95 10.06 -12.31
CA PHE A 160 8.42 11.01 -11.30
C PHE A 160 7.42 11.07 -10.15
N GLN A 161 7.88 10.90 -8.91
CA GLN A 161 6.96 11.02 -7.78
C GLN A 161 6.84 12.46 -7.33
N ARG A 162 5.65 13.02 -7.48
CA ARG A 162 5.33 14.37 -7.05
C ARG A 162 3.83 14.55 -7.01
N LYS A 163 3.34 15.35 -6.07
CA LYS A 163 1.97 15.83 -6.15
C LYS A 163 2.01 17.16 -6.88
N VAL A 164 1.27 17.24 -7.97
CA VAL A 164 1.12 18.47 -8.74
C VAL A 164 0.06 19.30 -8.02
N GLU A 165 0.40 20.54 -7.66
CA GLU A 165 -0.61 21.38 -7.02
C GLU A 165 -1.47 22.13 -8.04
N SER A 166 -0.94 22.36 -9.24
CA SER A 166 -1.70 23.06 -10.27
C SER A 166 -1.31 22.61 -11.67
N PHE A 167 -2.22 22.80 -12.60
CA PHE A 167 -1.90 22.68 -14.02
C PHE A 167 -0.86 23.68 -14.49
N GLU A 168 -0.86 24.87 -13.89
CA GLU A 168 0.16 25.88 -14.16
C GLU A 168 1.57 25.45 -13.75
N GLU A 169 1.67 24.69 -12.67
CA GLU A 169 2.93 24.07 -12.26
C GLU A 169 3.59 23.21 -13.35
N VAL A 170 2.77 22.42 -14.02
CA VAL A 170 3.25 21.61 -15.13
C VAL A 170 3.53 22.48 -16.36
N ALA A 171 2.67 23.49 -16.55
CA ALA A 171 2.73 24.31 -17.75
C ALA A 171 3.96 25.21 -17.79
N ARG A 172 4.40 25.68 -16.63
CA ARG A 172 5.65 26.46 -16.57
C ARG A 172 6.90 25.62 -16.71
N GLU A 173 6.79 24.30 -16.53
CA GLU A 173 7.88 23.40 -16.90
C GLU A 173 7.82 23.01 -18.38
N GLY A 174 6.81 23.46 -19.10
CA GLY A 174 6.83 23.32 -20.55
C GLY A 174 6.06 22.13 -21.05
N ALA A 175 5.00 21.76 -20.33
CA ALA A 175 4.06 20.78 -20.85
C ALA A 175 3.25 21.42 -21.97
N ASP A 176 3.36 20.84 -23.15
CA ASP A 176 2.52 21.26 -24.27
C ASP A 176 1.11 20.68 -24.13
N VAL A 177 1.04 19.46 -23.62
CA VAL A 177 -0.21 18.76 -23.39
C VAL A 177 -0.16 18.16 -21.99
N ILE A 178 -1.20 18.40 -21.22
CA ILE A 178 -1.34 17.77 -19.91
C ILE A 178 -2.48 16.76 -20.03
N VAL A 179 -2.23 15.52 -19.61
CA VAL A 179 -3.27 14.50 -19.62
C VAL A 179 -3.63 14.28 -18.14
N ASN A 180 -4.86 14.60 -17.77
CA ASN A 180 -5.27 14.63 -16.37
C ASN A 180 -6.04 13.37 -16.02
N CYS A 181 -5.35 12.49 -15.32
CA CYS A 181 -5.82 11.16 -14.96
C CYS A 181 -5.77 10.92 -13.46
N THR A 182 -6.24 11.91 -12.72
CA THR A 182 -6.04 11.98 -11.27
C THR A 182 -7.18 11.39 -10.43
N GLY A 183 -8.11 10.68 -11.06
CA GLY A 183 -9.20 10.01 -10.35
C GLY A 183 -10.03 10.87 -9.41
N VAL A 184 -10.24 10.39 -8.20
CA VAL A 184 -11.10 11.07 -7.23
C VAL A 184 -10.50 12.37 -6.66
N TRP A 185 -9.22 12.60 -6.93
CA TRP A 185 -8.53 13.78 -6.43
C TRP A 185 -8.48 14.91 -7.45
N ALA A 186 -9.18 14.75 -8.57
CA ALA A 186 -9.12 15.74 -9.64
C ALA A 186 -9.61 17.13 -9.25
N GLY A 187 -10.52 17.16 -8.27
CA GLY A 187 -11.00 18.41 -7.70
C GLY A 187 -9.96 19.34 -7.10
N ALA A 188 -8.82 18.77 -6.70
CA ALA A 188 -7.72 19.59 -6.20
C ALA A 188 -6.99 20.40 -7.28
N LEU A 189 -7.00 19.93 -8.53
CA LEU A 189 -6.39 20.69 -9.61
C LEU A 189 -7.38 21.65 -10.27
N GLN A 190 -8.64 21.25 -10.37
CA GLN A 190 -9.72 22.11 -10.82
C GLN A 190 -10.97 21.64 -10.13
N ARG A 191 -11.67 22.56 -9.46
CA ARG A 191 -12.94 22.31 -8.79
C ARG A 191 -13.95 21.53 -9.64
N ASP A 192 -14.33 20.36 -9.16
CA ASP A 192 -15.37 19.54 -9.79
C ASP A 192 -16.30 19.05 -8.69
N PRO A 193 -17.44 19.71 -8.45
CA PRO A 193 -18.34 19.30 -7.38
C PRO A 193 -19.13 18.03 -7.69
N LEU A 194 -19.10 17.62 -8.94
CA LEU A 194 -19.78 16.41 -9.39
C LEU A 194 -18.99 15.15 -9.03
N LEU A 195 -17.71 15.31 -8.70
CA LEU A 195 -16.84 14.20 -8.36
C LEU A 195 -16.85 14.00 -6.84
N GLN A 196 -17.14 12.80 -6.39
CA GLN A 196 -17.16 12.47 -4.96
C GLN A 196 -16.49 11.10 -4.73
N PRO A 197 -15.94 10.79 -3.54
CA PRO A 197 -15.49 9.44 -3.27
C PRO A 197 -16.65 8.54 -2.91
N GLY A 198 -16.69 7.38 -3.54
CA GLY A 198 -17.52 6.31 -3.02
C GLY A 198 -16.60 5.34 -2.35
N ARG A 199 -16.42 5.50 -1.05
CA ARG A 199 -15.47 4.70 -0.30
C ARG A 199 -15.92 3.25 -0.22
N GLY A 200 -15.01 2.36 -0.52
CA GLY A 200 -15.20 0.94 -0.29
C GLY A 200 -14.14 0.37 0.62
N GLN A 201 -14.44 -0.77 1.19
CA GLN A 201 -13.52 -1.57 1.99
C GLN A 201 -13.70 -3.01 1.54
N ILE A 202 -12.63 -3.78 1.56
CA ILE A 202 -12.63 -5.17 1.11
C ILE A 202 -11.75 -6.02 2.03
N MET A 203 -12.04 -7.31 2.02
CA MET A 203 -11.25 -8.33 2.67
C MET A 203 -10.69 -9.24 1.57
N LYS A 204 -9.42 -9.65 1.67
CA LYS A 204 -8.93 -10.72 0.81
C LYS A 204 -8.86 -12.00 1.67
N VAL A 205 -9.43 -13.09 1.15
CA VAL A 205 -9.59 -14.35 1.88
C VAL A 205 -8.97 -15.52 1.11
N ASP A 206 -8.50 -16.50 1.87
CA ASP A 206 -7.95 -17.75 1.36
C ASP A 206 -9.08 -18.79 1.26
N ALA A 207 -9.62 -18.92 0.06
CA ALA A 207 -10.73 -19.85 -0.19
C ALA A 207 -10.64 -20.39 -1.60
N PRO A 208 -9.63 -21.18 -1.96
CA PRO A 208 -9.35 -21.43 -3.36
C PRO A 208 -10.29 -22.45 -4.02
N TRP A 209 -11.17 -23.04 -3.23
CA TRP A 209 -12.27 -23.84 -3.75
C TRP A 209 -13.38 -23.00 -4.41
N MET A 210 -13.31 -21.69 -4.27
CA MET A 210 -14.27 -20.78 -4.87
C MET A 210 -13.84 -20.49 -6.30
N LYS A 211 -14.69 -20.89 -7.24
CA LYS A 211 -14.36 -20.84 -8.67
C LYS A 211 -15.33 -19.95 -9.44
N HIS A 212 -16.32 -19.38 -8.75
CA HIS A 212 -17.30 -18.49 -9.36
C HIS A 212 -17.29 -17.16 -8.64
N PHE A 213 -17.62 -16.08 -9.34
CA PHE A 213 -18.00 -14.86 -8.64
C PHE A 213 -19.45 -14.95 -8.17
N ILE A 214 -19.76 -14.27 -7.08
CA ILE A 214 -21.12 -14.25 -6.56
C ILE A 214 -21.40 -12.82 -6.10
N LEU A 215 -22.18 -12.10 -6.89
CA LEU A 215 -22.52 -10.71 -6.59
C LEU A 215 -23.98 -10.65 -6.17
N THR A 216 -24.27 -10.05 -5.03
CA THR A 216 -25.67 -9.81 -4.63
C THR A 216 -26.02 -8.34 -4.82
N HIS A 217 -27.31 -8.05 -4.88
CA HIS A 217 -27.78 -6.70 -5.20
C HIS A 217 -28.98 -6.28 -4.36
N ASP A 218 -28.87 -5.07 -3.84
CA ASP A 218 -29.90 -4.41 -3.05
C ASP A 218 -30.07 -3.01 -3.64
N PRO A 219 -30.82 -2.83 -4.74
CA PRO A 219 -30.87 -1.57 -5.47
C PRO A 219 -31.35 -0.34 -4.70
N GLU A 220 -32.08 -0.57 -3.62
CA GLU A 220 -32.47 0.47 -2.68
C GLU A 220 -31.28 1.20 -2.06
N ARG A 221 -30.28 0.41 -1.67
CA ARG A 221 -29.04 0.96 -1.14
C ARG A 221 -28.00 1.21 -2.22
N GLY A 222 -28.37 0.87 -3.45
CA GLY A 222 -27.56 1.14 -4.62
C GLY A 222 -26.49 0.11 -4.86
N ILE A 223 -25.81 0.30 -5.98
CA ILE A 223 -24.63 -0.47 -6.35
C ILE A 223 -23.58 -0.54 -5.26
N TYR A 224 -23.15 -1.75 -4.93
CA TYR A 224 -22.00 -1.95 -4.07
C TYR A 224 -22.31 -2.02 -2.59
N ASN A 225 -23.56 -1.82 -2.17
CA ASN A 225 -23.96 -1.98 -0.77
C ASN A 225 -24.72 -3.29 -0.55
N SER A 226 -24.16 -4.37 -1.07
CA SER A 226 -24.66 -5.72 -0.87
C SER A 226 -23.45 -6.65 -1.03
N PRO A 227 -23.34 -7.79 -0.33
CA PRO A 227 -22.18 -8.66 -0.41
C PRO A 227 -21.77 -9.16 -1.79
N TYR A 228 -20.46 -9.27 -1.96
CA TYR A 228 -19.90 -9.83 -3.17
C TYR A 228 -18.68 -10.68 -2.85
N ILE A 229 -18.51 -11.74 -3.62
CA ILE A 229 -17.39 -12.67 -3.50
C ILE A 229 -16.76 -12.80 -4.88
N ILE A 230 -15.44 -12.56 -4.98
CA ILE A 230 -14.76 -12.53 -6.28
C ILE A 230 -13.45 -13.30 -6.20
N PRO A 231 -13.37 -14.57 -6.64
CA PRO A 231 -12.11 -15.28 -6.80
C PRO A 231 -11.11 -14.58 -7.71
N GLY A 232 -9.97 -14.21 -7.13
CA GLY A 232 -8.87 -13.72 -7.93
C GLY A 232 -7.89 -14.84 -8.18
N THR A 233 -6.78 -14.53 -8.84
CA THR A 233 -5.82 -15.57 -9.13
CA THR A 233 -5.69 -15.46 -9.12
C THR A 233 -5.18 -16.24 -7.91
N GLN A 234 -4.99 -15.51 -6.81
CA GLN A 234 -4.42 -16.11 -5.60
C GLN A 234 -5.38 -16.08 -4.42
N THR A 235 -6.29 -15.10 -4.40
CA THR A 235 -7.07 -14.83 -3.21
C THR A 235 -8.47 -14.37 -3.61
N VAL A 236 -9.44 -14.59 -2.75
CA VAL A 236 -10.82 -14.20 -3.03
C VAL A 236 -11.08 -12.85 -2.37
N THR A 237 -11.59 -11.90 -3.15
CA THR A 237 -12.01 -10.63 -2.57
C THR A 237 -13.44 -10.78 -2.04
N LEU A 238 -13.62 -10.36 -0.80
CA LEU A 238 -14.92 -10.24 -0.14
C LEU A 238 -15.19 -8.76 0.01
N GLY A 239 -16.37 -8.29 -0.43
CA GLY A 239 -16.69 -6.88 -0.31
C GLY A 239 -18.17 -6.61 -0.27
N GLY A 240 -18.53 -5.34 -0.46
CA GLY A 240 -19.93 -4.94 -0.49
C GLY A 240 -20.23 -3.77 0.40
N ILE A 241 -19.41 -2.71 0.29
CA ILE A 241 -19.67 -1.46 1.00
CA ILE A 241 -19.66 -1.47 0.98
C ILE A 241 -19.46 -0.25 0.08
N PHE A 242 -20.34 0.75 0.22
CA PHE A 242 -20.24 2.02 -0.47
C PHE A 242 -20.63 3.15 0.47
N GLN A 243 -19.72 4.11 0.71
CA GLN A 243 -20.09 5.36 1.36
C GLN A 243 -19.74 6.57 0.50
N LEU A 244 -20.77 7.26 0.00
CA LEU A 244 -20.58 8.50 -0.75
C LEU A 244 -20.10 9.60 0.19
N GLY A 245 -18.90 10.10 -0.07
CA GLY A 245 -18.43 11.28 0.64
C GLY A 245 -17.55 10.96 1.83
N ASN A 246 -17.27 9.69 2.05
CA ASN A 246 -16.35 9.32 3.11
C ASN A 246 -14.95 9.36 2.51
N TRP A 247 -14.10 10.16 3.12
CA TRP A 247 -12.70 10.32 2.73
C TRP A 247 -11.75 9.62 3.71
N SER A 248 -12.25 8.79 4.62
CA SER A 248 -11.39 8.12 5.58
C SER A 248 -10.69 6.91 4.97
N GLU A 249 -9.37 7.04 4.79
CA GLU A 249 -8.58 5.94 4.23
C GLU A 249 -8.07 5.04 5.36
N LEU A 250 -9.01 4.36 6.00
CA LEU A 250 -8.77 3.58 7.21
C LEU A 250 -9.74 2.43 7.19
N ASN A 251 -9.25 1.22 7.42
CA ASN A 251 -10.15 0.07 7.60
C ASN A 251 -10.84 0.14 8.95
N ASN A 252 -12.10 -0.29 9.02
CA ASN A 252 -12.84 -0.22 10.29
C ASN A 252 -13.61 -1.50 10.60
N ILE A 253 -13.88 -1.68 11.89
CA ILE A 253 -14.56 -2.86 12.42
C ILE A 253 -15.96 -3.09 11.87
N GLN A 254 -16.75 -2.03 11.79
CA GLN A 254 -18.14 -2.15 11.38
C GLN A 254 -18.28 -2.57 9.93
N ASP A 255 -17.43 -1.97 9.11
CA ASP A 255 -17.37 -2.34 7.71
C ASP A 255 -16.79 -3.73 7.49
N HIS A 256 -15.82 -4.11 8.32
CA HIS A 256 -15.34 -5.50 8.33
C HIS A 256 -16.45 -6.49 8.61
N ASN A 257 -17.19 -6.23 9.68
CA ASN A 257 -18.26 -7.14 10.07
C ASN A 257 -19.42 -7.17 9.12
N THR A 258 -19.75 -6.02 8.51
CA THR A 258 -20.75 -5.98 7.45
C THR A 258 -20.38 -6.92 6.28
N ILE A 259 -19.12 -6.87 5.87
CA ILE A 259 -18.66 -7.73 4.80
C ILE A 259 -18.55 -9.19 5.25
N TRP A 260 -17.93 -9.45 6.40
CA TRP A 260 -17.75 -10.82 6.88
C TRP A 260 -19.07 -11.55 7.09
N GLU A 261 -19.96 -10.90 7.82
CA GLU A 261 -21.27 -11.47 8.11
C GLU A 261 -22.17 -11.52 6.89
N GLY A 262 -21.89 -10.69 5.89
CA GLY A 262 -22.68 -10.71 4.67
C GLY A 262 -22.20 -11.79 3.72
N CYS A 263 -20.90 -11.83 3.45
CA CYS A 263 -20.35 -12.86 2.57
C CYS A 263 -20.44 -14.28 3.12
N CYS A 264 -20.33 -14.42 4.44
CA CYS A 264 -20.60 -15.72 5.06
C CYS A 264 -22.05 -16.13 5.09
N ARG A 265 -22.98 -15.18 4.93
CA ARG A 265 -24.37 -15.58 4.73
CA ARG A 265 -24.37 -15.58 4.73
C ARG A 265 -24.66 -15.96 3.28
N LEU A 266 -23.91 -15.35 2.35
CA LEU A 266 -23.95 -15.74 0.94
C LEU A 266 -23.45 -17.17 0.73
N GLU A 267 -22.25 -17.42 1.29
CA GLU A 267 -21.53 -18.65 1.04
C GLU A 267 -20.85 -19.06 2.35
N PRO A 268 -21.50 -19.88 3.20
CA PRO A 268 -20.96 -20.27 4.50
C PRO A 268 -19.62 -20.98 4.55
N THR A 269 -19.13 -21.51 3.43
CA THR A 269 -17.75 -22.00 3.36
C THR A 269 -16.69 -20.98 3.74
N LEU A 270 -16.98 -19.70 3.49
CA LEU A 270 -16.08 -18.61 3.87
C LEU A 270 -15.79 -18.50 5.36
N LYS A 271 -16.64 -19.09 6.20
CA LYS A 271 -16.41 -19.13 7.65
C LYS A 271 -15.12 -19.85 8.06
N ASN A 272 -14.64 -20.69 7.15
CA ASN A 272 -13.41 -21.46 7.34
C ASN A 272 -12.19 -20.73 6.77
N ALA A 273 -12.41 -19.70 5.97
CA ALA A 273 -11.36 -19.14 5.13
C ALA A 273 -10.45 -18.19 5.91
N ARG A 274 -9.14 -18.38 5.72
CA ARG A 274 -8.14 -17.51 6.34
C ARG A 274 -8.17 -16.11 5.72
N ILE A 275 -8.29 -15.09 6.56
CA ILE A 275 -8.25 -13.70 6.11
C ILE A 275 -6.79 -13.30 5.91
N ILE A 276 -6.46 -12.84 4.71
CA ILE A 276 -5.07 -12.56 4.35
C ILE A 276 -4.79 -11.07 4.44
N GLY A 277 -5.74 -10.25 4.00
CA GLY A 277 -5.56 -8.81 4.09
C GLY A 277 -6.87 -8.06 4.02
N GLU A 278 -6.79 -6.75 4.26
CA GLU A 278 -7.96 -5.87 4.15
CA GLU A 278 -7.93 -5.87 4.17
C GLU A 278 -7.50 -4.53 3.57
N ARG A 279 -8.32 -3.92 2.74
CA ARG A 279 -7.99 -2.65 2.09
C ARG A 279 -9.16 -1.70 2.06
N THR A 280 -8.84 -0.42 1.90
CA THR A 280 -9.82 0.66 1.76
C THR A 280 -9.46 1.45 0.50
N GLY A 281 -10.47 1.90 -0.24
CA GLY A 281 -10.24 2.73 -1.43
C GLY A 281 -11.44 3.58 -1.79
N PHE A 282 -11.23 4.56 -2.66
CA PHE A 282 -12.23 5.55 -3.04
C PHE A 282 -12.56 5.45 -4.51
N ARG A 283 -13.77 5.01 -4.83
CA ARG A 283 -14.23 5.05 -6.22
C ARG A 283 -14.42 6.51 -6.65
N PRO A 284 -13.91 6.94 -7.82
CA PRO A 284 -14.13 8.29 -8.33
C PRO A 284 -15.52 8.45 -8.95
N VAL A 285 -16.50 8.66 -8.09
CA VAL A 285 -17.89 8.65 -8.50
C VAL A 285 -18.23 10.00 -9.10
N ARG A 286 -18.81 9.95 -10.30
CA ARG A 286 -19.22 11.12 -11.03
C ARG A 286 -20.46 10.70 -11.83
N PRO A 287 -21.43 11.59 -12.15
CA PRO A 287 -22.57 11.24 -13.02
C PRO A 287 -22.27 10.60 -14.37
N GLN A 288 -21.16 11.02 -14.94
CA GLN A 288 -20.58 10.40 -16.12
C GLN A 288 -19.07 10.52 -15.94
N ILE A 289 -18.30 9.77 -16.72
CA ILE A 289 -16.87 10.07 -16.87
C ILE A 289 -16.66 11.43 -17.54
N ARG A 290 -15.65 12.16 -17.10
CA ARG A 290 -15.21 13.34 -17.81
C ARG A 290 -14.09 12.90 -18.74
N LEU A 291 -14.35 12.92 -20.03
CA LEU A 291 -13.39 12.49 -21.04
C LEU A 291 -13.46 13.49 -22.18
N GLU A 292 -12.62 14.51 -22.05
CA GLU A 292 -12.96 15.81 -22.62
C GLU A 292 -11.69 16.62 -22.78
N ARG A 293 -11.65 17.46 -23.81
CA ARG A 293 -10.57 18.43 -23.91
C ARG A 293 -10.97 19.77 -23.29
N GLU A 294 -9.97 20.44 -22.76
CA GLU A 294 -10.08 21.80 -22.27
C GLU A 294 -8.79 22.53 -22.61
N GLN A 295 -8.86 23.84 -22.80
CA GLN A 295 -7.67 24.66 -23.04
C GLN A 295 -7.53 25.67 -21.91
N LEU A 296 -6.34 25.72 -21.33
CA LEU A 296 -6.10 26.39 -20.07
C LEU A 296 -5.20 27.60 -20.24
N ARG A 297 -5.71 28.76 -19.87
CA ARG A 297 -5.01 30.02 -20.04
C ARG A 297 -4.22 30.37 -18.77
N THR A 298 -3.10 29.71 -18.55
CA THR A 298 -2.37 29.82 -17.29
C THR A 298 -0.98 30.44 -17.45
N GLY A 299 -0.91 31.76 -17.30
CA GLY A 299 0.40 32.43 -17.22
C GLY A 299 0.75 33.12 -18.52
N PRO A 300 1.99 32.98 -19.03
CA PRO A 300 2.39 33.58 -20.29
C PRO A 300 1.89 32.86 -21.55
N SER A 301 1.21 31.72 -21.39
CA SER A 301 0.74 30.96 -22.53
C SER A 301 -0.51 30.15 -22.19
N ASN A 302 -1.03 29.52 -23.23
CA ASN A 302 -2.14 28.58 -23.15
C ASN A 302 -1.55 27.16 -23.16
N THR A 303 -2.30 26.18 -22.67
CA THR A 303 -1.91 24.78 -22.69
C THR A 303 -3.14 23.92 -22.93
N GLU A 304 -2.96 22.81 -23.64
CA GLU A 304 -4.08 21.92 -23.93
C GLU A 304 -4.13 20.83 -22.88
N VAL A 305 -5.34 20.56 -22.39
CA VAL A 305 -5.55 19.59 -21.34
C VAL A 305 -6.54 18.55 -21.85
N ILE A 306 -6.17 17.28 -21.72
CA ILE A 306 -7.11 16.19 -21.90
C ILE A 306 -7.49 15.74 -20.49
N HIS A 307 -8.77 15.83 -20.18
CA HIS A 307 -9.29 15.25 -18.94
C HIS A 307 -9.72 13.82 -19.19
N ASN A 308 -9.43 12.94 -18.23
CA ASN A 308 -9.86 11.55 -18.28
C ASN A 308 -10.02 11.06 -16.84
N TYR A 309 -11.16 11.35 -16.23
CA TYR A 309 -11.42 10.94 -14.84
C TYR A 309 -12.90 10.74 -14.57
N GLY A 310 -13.20 10.07 -13.46
CA GLY A 310 -14.58 9.92 -13.01
C GLY A 310 -15.16 8.56 -13.26
N HIS A 311 -14.32 7.54 -13.21
CA HIS A 311 -14.69 6.21 -13.72
C HIS A 311 -15.34 5.30 -12.68
N GLY A 312 -15.69 5.85 -11.52
CA GLY A 312 -16.61 5.18 -10.60
C GLY A 312 -16.18 3.81 -10.13
N GLY A 313 -17.12 2.90 -10.18
CA GLY A 313 -16.81 1.51 -9.89
C GLY A 313 -16.48 0.68 -11.12
N TYR A 314 -16.08 1.32 -12.22
CA TYR A 314 -15.96 0.63 -13.51
C TYR A 314 -14.67 0.93 -14.25
N GLY A 315 -13.63 1.37 -13.55
CA GLY A 315 -12.47 1.88 -14.25
C GLY A 315 -11.60 0.86 -14.95
N LEU A 316 -11.45 -0.32 -14.35
CA LEU A 316 -10.81 -1.43 -15.08
C LEU A 316 -11.66 -1.94 -16.24
N THR A 317 -12.97 -1.98 -16.01
CA THR A 317 -13.99 -2.37 -16.99
C THR A 317 -13.97 -1.54 -18.28
N ILE A 318 -13.61 -0.27 -18.17
CA ILE A 318 -13.77 0.68 -19.28
C ILE A 318 -12.46 1.28 -19.77
N HIS A 319 -11.35 0.90 -19.15
CA HIS A 319 -10.10 1.65 -19.30
C HIS A 319 -9.60 1.80 -20.73
N TRP A 320 -9.73 0.74 -21.52
CA TRP A 320 -9.09 0.69 -22.82
C TRP A 320 -9.82 1.54 -23.82
N GLY A 321 -11.15 1.52 -23.75
CA GLY A 321 -11.92 2.39 -24.61
C GLY A 321 -11.74 3.87 -24.29
N CYS A 322 -11.64 4.17 -23.00
CA CYS A 322 -11.28 5.52 -22.58
C CYS A 322 -9.88 5.97 -22.99
N ALA A 323 -8.91 5.06 -22.94
CA ALA A 323 -7.55 5.40 -23.33
C ALA A 323 -7.42 5.65 -24.83
N LEU A 324 -8.16 4.88 -25.62
CA LEU A 324 -8.18 5.09 -27.06
C LEU A 324 -8.92 6.35 -27.47
N GLU A 325 -10.00 6.68 -26.77
CA GLU A 325 -10.68 7.97 -26.97
C GLU A 325 -9.86 9.18 -26.57
N ALA A 326 -9.14 9.06 -25.46
CA ALA A 326 -8.18 10.10 -25.09
C ALA A 326 -7.02 10.23 -26.07
N ALA A 327 -6.65 9.11 -26.69
CA ALA A 327 -5.73 9.11 -27.81
C ALA A 327 -6.28 9.84 -29.02
N LYS A 328 -7.54 9.55 -29.40
CA LYS A 328 -8.25 10.32 -30.43
C LYS A 328 -8.23 11.83 -30.18
N LEU A 329 -8.59 12.23 -28.95
CA LEU A 329 -8.44 13.61 -28.50
C LEU A 329 -7.02 14.20 -28.62
N PHE A 330 -5.99 13.40 -28.32
CA PHE A 330 -4.60 13.81 -28.56
C PHE A 330 -4.26 14.02 -30.05
N GLY A 331 -4.84 13.21 -30.91
CA GLY A 331 -4.70 13.42 -32.36
C GLY A 331 -5.32 14.70 -32.88
N ARG A 332 -6.38 15.15 -32.21
CA ARG A 332 -6.98 16.44 -32.54
C ARG A 332 -6.08 17.61 -32.16
N ILE A 333 -5.46 17.49 -30.99
CA ILE A 333 -4.42 18.42 -30.55
C ILE A 333 -3.25 18.51 -31.54
N LEU A 334 -2.75 17.36 -31.96
CA LEU A 334 -1.70 17.36 -32.99
C LEU A 334 -2.15 17.92 -34.34
N GLU A 335 -3.40 17.72 -34.71
CA GLU A 335 -3.96 18.27 -35.94
C GLU A 335 -4.04 19.80 -35.91
N GLU A 336 -4.51 20.32 -34.78
CA GLU A 336 -4.52 21.76 -34.57
C GLU A 336 -3.13 22.41 -34.53
N LYS A 337 -2.16 21.67 -34.00
CA LYS A 337 -0.77 22.12 -34.02
C LYS A 337 -0.09 22.03 -35.38
N LYS A 338 -0.63 21.18 -36.26
CA LYS A 338 -0.23 21.07 -37.67
C LYS A 338 1.10 20.30 -37.82
N MET B 1 -7.55 11.42 30.90
CA MET B 1 -6.76 12.35 30.06
C MET B 1 -7.27 12.35 28.64
N ARG B 2 -7.09 13.46 27.95
CA ARG B 2 -7.26 13.47 26.51
C ARG B 2 -5.90 13.34 25.86
N VAL B 3 -5.71 12.26 25.12
CA VAL B 3 -4.46 11.94 24.45
C VAL B 3 -4.73 11.92 22.94
N VAL B 4 -3.82 12.48 22.16
CA VAL B 4 -3.77 12.24 20.73
C VAL B 4 -2.39 11.68 20.41
N VAL B 5 -2.38 10.46 19.90
CA VAL B 5 -1.18 9.92 19.26
C VAL B 5 -1.24 10.37 17.80
N ILE B 6 -0.16 10.96 17.30
CA ILE B 6 -0.06 11.19 15.86
C ILE B 6 0.89 10.13 15.31
N GLY B 7 0.34 9.28 14.45
CA GLY B 7 1.11 8.25 13.77
C GLY B 7 0.59 6.84 13.98
N ALA B 8 0.67 6.03 12.93
CA ALA B 8 0.20 4.65 12.98
C ALA B 8 1.20 3.67 12.42
N GLY B 9 2.48 3.99 12.56
CA GLY B 9 3.50 2.99 12.32
C GLY B 9 3.89 2.29 13.59
N VAL B 10 5.00 1.54 13.55
CA VAL B 10 5.41 0.72 14.69
C VAL B 10 5.57 1.50 15.99
N ILE B 11 6.15 2.69 15.84
CA ILE B 11 6.41 3.54 16.99
C ILE B 11 5.12 4.14 17.54
N GLY B 12 4.25 4.64 16.67
CA GLY B 12 2.99 5.20 17.12
C GLY B 12 2.04 4.21 17.74
N LEU B 13 1.85 3.08 17.07
CA LEU B 13 0.94 2.06 17.59
C LEU B 13 1.45 1.37 18.86
N SER B 14 2.75 1.07 18.89
CA SER B 14 3.30 0.46 20.10
C SER B 14 3.30 1.40 21.31
N THR B 15 3.55 2.69 21.05
CA THR B 15 3.54 3.68 22.13
C THR B 15 2.12 3.91 22.64
N ALA B 16 1.16 3.89 21.71
CA ALA B 16 -0.26 3.98 22.05
C ALA B 16 -0.76 2.81 22.88
N LEU B 17 -0.43 1.58 22.47
CA LEU B 17 -0.79 0.41 23.26
C LEU B 17 -0.11 0.40 24.63
N CYS B 18 1.18 0.73 24.63
CA CYS B 18 1.97 0.77 25.86
C CYS B 18 1.50 1.82 26.88
N ILE B 19 1.15 3.02 26.41
CA ILE B 19 0.54 4.03 27.30
C ILE B 19 -0.83 3.59 27.80
N HIS B 20 -1.66 2.99 26.93
CA HIS B 20 -3.00 2.56 27.35
C HIS B 20 -2.96 1.49 28.42
N GLU B 21 -2.15 0.45 28.19
CA GLU B 21 -2.07 -0.65 29.13
C GLU B 21 -1.46 -0.29 30.48
N ARG B 22 -0.65 0.78 30.51
CA ARG B 22 -0.06 1.22 31.77
C ARG B 22 -0.84 2.30 32.50
N TYR B 23 -1.65 3.08 31.78
CA TYR B 23 -2.15 4.32 32.35
C TYR B 23 -3.65 4.56 32.17
N HIS B 24 -4.36 3.65 31.50
CA HIS B 24 -5.81 3.68 31.48
C HIS B 24 -6.34 2.64 32.45
N SER B 25 -7.33 3.04 33.23
CA SER B 25 -8.16 2.12 34.00
C SER B 25 -9.61 2.56 33.93
N VAL B 26 -10.50 1.76 34.50
CA VAL B 26 -11.92 2.07 34.53
C VAL B 26 -12.28 3.27 35.43
N LEU B 27 -11.32 3.79 36.19
CA LEU B 27 -11.57 4.85 37.16
C LEU B 27 -10.55 5.97 37.18
N GLN B 28 -9.42 5.75 36.49
CA GLN B 28 -8.67 6.86 35.90
C GLN B 28 -8.47 6.51 34.42
N PRO B 29 -9.41 6.87 33.53
CA PRO B 29 -9.34 6.48 32.12
C PRO B 29 -8.51 7.43 31.26
N LEU B 30 -8.06 6.91 30.13
CA LEU B 30 -7.52 7.72 29.05
C LEU B 30 -8.48 7.64 27.88
N ASP B 31 -8.78 8.79 27.29
CA ASP B 31 -9.28 8.80 25.92
C ASP B 31 -8.07 8.97 25.02
N ILE B 32 -7.86 8.02 24.13
CA ILE B 32 -6.68 7.99 23.26
C ILE B 32 -7.20 7.94 21.84
N LYS B 33 -6.82 8.95 21.07
CA LYS B 33 -7.06 8.99 19.64
C LYS B 33 -5.75 8.65 18.94
N VAL B 34 -5.79 7.83 17.90
CA VAL B 34 -4.68 7.71 16.96
C VAL B 34 -5.09 8.48 15.72
N TYR B 35 -4.38 9.57 15.42
CA TYR B 35 -4.56 10.29 14.17
C TYR B 35 -3.42 9.88 13.23
N ALA B 36 -3.75 9.48 12.00
CA ALA B 36 -2.70 9.13 11.03
C ALA B 36 -3.06 9.57 9.63
N ASP B 37 -2.06 9.97 8.85
CA ASP B 37 -2.27 10.26 7.44
C ASP B 37 -2.29 8.95 6.65
N ARG B 38 -1.24 8.16 6.82
CA ARG B 38 -1.13 6.84 6.21
C ARG B 38 -1.32 5.80 7.32
N PHE B 39 -2.24 4.87 7.11
CA PHE B 39 -2.28 3.64 7.90
C PHE B 39 -1.64 2.52 7.07
N THR B 40 -1.70 1.28 7.52
CA THR B 40 -1.24 0.16 6.71
C THR B 40 -2.07 0.03 5.42
N PRO B 41 -1.50 -0.30 4.26
CA PRO B 41 -0.10 -0.67 4.01
C PRO B 41 0.84 0.47 3.61
N LEU B 42 0.51 1.70 3.98
CA LEU B 42 1.10 2.88 3.36
C LEU B 42 2.21 3.54 4.19
N THR B 43 2.72 2.87 5.23
CA THR B 43 3.78 3.45 6.07
C THR B 43 5.13 2.78 5.78
N THR B 44 6.23 3.32 6.32
CA THR B 44 7.55 2.68 6.12
C THR B 44 7.66 1.36 6.88
N THR B 45 6.85 1.20 7.94
CA THR B 45 6.84 -0.06 8.69
C THR B 45 6.33 -1.23 7.84
N ASP B 46 5.51 -0.91 6.84
CA ASP B 46 4.97 -1.92 5.93
C ASP B 46 5.92 -2.28 4.79
N VAL B 47 7.07 -1.62 4.71
CA VAL B 47 8.11 -1.98 3.73
C VAL B 47 9.18 -2.87 4.39
N ALA B 48 9.27 -2.79 5.70
CA ALA B 48 10.35 -3.41 6.45
C ALA B 48 10.15 -4.92 6.63
N ALA B 49 11.22 -5.68 6.35
CA ALA B 49 11.18 -7.13 6.55
C ALA B 49 11.02 -7.51 8.01
N GLY B 50 11.82 -6.86 8.83
CA GLY B 50 11.54 -6.82 10.25
C GLY B 50 12.50 -7.63 11.09
N LEU B 51 13.69 -7.85 10.57
CA LEU B 51 14.74 -8.56 11.30
C LEU B 51 15.23 -7.70 12.46
N TRP B 52 15.45 -8.34 13.60
CA TRP B 52 16.07 -7.65 14.72
C TRP B 52 17.57 -7.61 14.46
N GLN B 53 18.11 -6.41 14.32
CA GLN B 53 19.55 -6.19 14.24
C GLN B 53 19.83 -4.69 14.31
N PRO B 54 20.41 -4.16 15.40
CA PRO B 54 20.95 -2.79 15.42
C PRO B 54 22.20 -2.64 14.55
N TYR B 55 22.76 -1.43 14.54
CA TYR B 55 23.94 -1.14 13.73
C TYR B 55 25.19 -1.88 14.22
N LEU B 56 26.14 -2.01 13.30
CA LEU B 56 27.42 -2.64 13.57
C LEU B 56 28.26 -1.84 14.57
N SER B 57 28.17 -0.53 14.42
CA SER B 57 28.82 0.44 15.29
C SER B 57 27.92 0.78 16.47
N ASP B 58 28.50 1.41 17.50
CA ASP B 58 27.73 1.83 18.68
C ASP B 58 26.76 2.97 18.38
N PRO B 59 25.57 3.05 19.00
CA PRO B 59 24.74 4.23 18.91
C PRO B 59 25.32 5.38 19.72
N ASN B 60 24.94 6.60 19.34
CA ASN B 60 25.43 7.79 20.06
C ASN B 60 24.75 7.94 21.42
N ASN B 61 23.50 7.50 21.50
CA ASN B 61 22.86 7.36 22.79
C ASN B 61 23.01 5.92 23.26
N PRO B 62 23.61 5.65 24.44
CA PRO B 62 23.66 4.29 24.98
C PRO B 62 22.34 3.78 25.55
N GLN B 63 21.32 4.63 25.68
CA GLN B 63 19.97 4.12 25.98
C GLN B 63 19.44 3.20 24.88
N GLU B 64 19.85 3.46 23.64
CA GLU B 64 19.38 2.68 22.51
C GLU B 64 19.85 1.23 22.51
N ALA B 65 21.00 0.99 23.15
CA ALA B 65 21.44 -0.37 23.42
C ALA B 65 20.50 -1.11 24.38
N ASP B 66 20.15 -0.45 25.49
CA ASP B 66 19.16 -0.99 26.42
C ASP B 66 17.78 -1.19 25.81
N TRP B 67 17.36 -0.21 25.02
CA TRP B 67 16.06 -0.27 24.35
C TRP B 67 15.95 -1.42 23.36
N SER B 68 17.07 -1.73 22.70
CA SER B 68 17.09 -2.87 21.79
C SER B 68 17.09 -4.20 22.56
N GLN B 69 17.85 -4.24 23.66
CA GLN B 69 17.86 -5.37 24.59
C GLN B 69 16.48 -5.73 25.13
N GLN B 70 15.77 -4.70 25.58
CA GLN B 70 14.40 -4.83 26.06
C GLN B 70 13.43 -5.35 25.01
N THR B 71 13.57 -4.82 23.80
CA THR B 71 12.69 -5.20 22.70
C THR B 71 12.94 -6.66 22.30
N PHE B 72 14.21 -7.06 22.25
CA PHE B 72 14.54 -8.46 21.98
C PHE B 72 13.95 -9.42 23.00
N ASP B 73 14.20 -9.15 24.28
CA ASP B 73 13.71 -9.99 25.35
C ASP B 73 12.18 -10.09 25.42
N TYR B 74 11.52 -8.97 25.14
CA TYR B 74 10.07 -8.93 25.01
C TYR B 74 9.54 -9.81 23.88
N LEU B 75 10.18 -9.71 22.72
CA LEU B 75 9.79 -10.53 21.59
C LEU B 75 10.18 -12.00 21.75
N LEU B 76 11.35 -12.24 22.37
CA LEU B 76 11.85 -13.58 22.69
C LEU B 76 10.89 -14.38 23.56
N SER B 77 10.34 -13.71 24.57
CA SER B 77 9.34 -14.31 25.44
C SER B 77 7.92 -14.35 24.86
N HIS B 78 7.82 -14.21 23.54
CA HIS B 78 6.56 -14.24 22.81
C HIS B 78 6.57 -15.15 21.59
N VAL B 79 7.70 -15.79 21.30
CA VAL B 79 7.79 -16.55 20.06
CA VAL B 79 7.79 -16.58 20.06
C VAL B 79 7.14 -17.95 20.14
N HIS B 80 7.04 -18.46 21.37
CA HIS B 80 6.43 -19.76 21.61
C HIS B 80 5.02 -19.60 22.14
N SER B 81 4.50 -18.37 22.15
CA SER B 81 3.08 -18.18 22.34
CA SER B 81 3.06 -18.20 22.32
C SER B 81 2.39 -18.50 21.00
N PRO B 82 1.19 -19.10 21.01
CA PRO B 82 0.58 -19.56 19.76
C PRO B 82 0.12 -18.44 18.84
N ASN B 83 -0.02 -17.25 19.42
CA ASN B 83 -0.29 -16.02 18.69
C ASN B 83 0.95 -15.36 18.08
N ALA B 84 2.12 -16.02 18.14
CA ALA B 84 3.34 -15.48 17.51
C ALA B 84 3.21 -15.30 16.01
N GLU B 85 2.46 -16.20 15.38
CA GLU B 85 2.10 -16.07 13.96
C GLU B 85 1.21 -14.86 13.68
N ASN B 86 0.44 -14.43 14.68
CA ASN B 86 -0.45 -13.27 14.53
C ASN B 86 0.34 -11.96 14.57
N LEU B 87 1.48 -11.99 15.24
CA LEU B 87 2.42 -10.87 15.18
C LEU B 87 3.30 -10.93 13.95
N GLY B 88 3.58 -12.14 13.46
CA GLY B 88 4.61 -12.31 12.45
C GLY B 88 5.98 -12.57 13.06
N LEU B 89 5.98 -13.18 14.23
CA LEU B 89 7.15 -13.24 15.09
C LEU B 89 7.73 -14.65 14.99
N PHE B 90 8.99 -14.76 14.57
CA PHE B 90 9.66 -16.07 14.46
C PHE B 90 11.17 -15.97 14.65
N LEU B 91 11.80 -17.09 15.01
CA LEU B 91 13.26 -17.15 15.15
C LEU B 91 13.93 -17.47 13.80
N ILE B 92 15.07 -16.84 13.51
CA ILE B 92 15.82 -17.09 12.28
C ILE B 92 17.32 -16.95 12.57
N SER B 93 18.13 -17.79 11.95
CA SER B 93 19.58 -17.64 12.05
C SER B 93 20.18 -17.17 10.74
N GLY B 94 21.42 -16.69 10.78
CA GLY B 94 22.04 -16.33 9.52
C GLY B 94 23.30 -15.52 9.63
N TYR B 95 23.69 -15.01 8.48
CA TYR B 95 25.06 -14.57 8.24
C TYR B 95 25.14 -13.07 8.12
N ASN B 96 26.24 -12.55 8.64
CA ASN B 96 26.64 -11.17 8.45
C ASN B 96 28.02 -11.22 7.82
N LEU B 97 28.10 -10.89 6.54
CA LEU B 97 29.30 -11.15 5.74
C LEU B 97 30.04 -9.85 5.44
N PHE B 98 31.38 -9.92 5.50
CA PHE B 98 32.23 -8.75 5.33
C PHE B 98 33.41 -9.11 4.44
N HIS B 99 33.91 -8.15 3.68
CA HIS B 99 35.03 -8.40 2.78
C HIS B 99 36.34 -8.64 3.52
N GLU B 100 36.51 -7.86 4.58
CA GLU B 100 37.66 -7.85 5.45
C GLU B 100 37.16 -7.85 6.90
N ALA B 101 38.04 -8.20 7.83
CA ALA B 101 37.67 -8.28 9.24
C ALA B 101 37.25 -6.98 9.93
N ILE B 102 36.43 -7.15 10.97
CA ILE B 102 35.76 -6.06 11.70
C ILE B 102 35.65 -6.50 13.16
N PRO B 103 35.44 -5.61 14.16
CA PRO B 103 35.20 -6.03 15.55
C PRO B 103 33.80 -6.60 15.79
N ASP B 104 33.58 -7.20 16.96
CA ASP B 104 32.24 -7.68 17.35
C ASP B 104 31.30 -6.50 17.64
N PRO B 105 29.97 -6.65 17.49
CA PRO B 105 29.04 -5.58 17.80
C PRO B 105 28.74 -5.53 19.29
N SER B 106 28.18 -4.41 19.72
CA SER B 106 27.74 -4.26 21.11
C SER B 106 26.63 -5.23 21.54
N TRP B 107 25.81 -5.62 20.57
CA TRP B 107 24.64 -6.44 20.82
C TRP B 107 24.88 -7.95 20.74
N LYS B 108 26.15 -8.39 20.72
CA LYS B 108 26.48 -9.78 20.41
C LYS B 108 25.87 -10.82 21.37
N ASP B 109 25.79 -10.42 22.64
CA ASP B 109 25.24 -11.29 23.69
C ASP B 109 23.74 -11.07 23.89
N THR B 110 23.13 -10.24 23.04
CA THR B 110 21.67 -10.06 23.11
C THR B 110 20.98 -11.12 22.25
N VAL B 111 21.57 -11.43 21.10
CA VAL B 111 21.08 -12.53 20.26
C VAL B 111 21.54 -13.88 20.82
N LEU B 112 20.95 -14.93 20.28
CA LEU B 112 21.31 -16.27 20.70
C LEU B 112 22.41 -16.78 19.78
N GLY B 113 23.46 -17.35 20.35
CA GLY B 113 24.31 -18.21 19.54
C GLY B 113 25.37 -17.51 18.71
N PHE B 114 25.87 -16.37 19.20
CA PHE B 114 26.81 -15.58 18.41
C PHE B 114 28.19 -16.22 18.32
N ARG B 115 28.74 -16.22 17.12
CA ARG B 115 30.10 -16.67 16.85
C ARG B 115 30.65 -16.00 15.60
N LYS B 116 31.98 -16.09 15.43
CA LYS B 116 32.56 -15.93 14.09
C LYS B 116 32.24 -17.14 13.22
N LEU B 117 32.26 -16.93 11.91
CA LEU B 117 32.22 -18.05 10.98
C LEU B 117 33.49 -18.90 11.00
N THR B 118 33.31 -20.19 10.79
CA THR B 118 34.38 -21.10 10.42
C THR B 118 34.87 -20.76 9.00
N PRO B 119 36.12 -21.09 8.59
CA PRO B 119 36.55 -20.85 7.22
C PRO B 119 35.76 -21.60 6.15
N ARG B 120 35.30 -22.79 6.53
CA ARG B 120 34.43 -23.59 5.67
C ARG B 120 33.08 -22.96 5.39
N GLU B 121 32.61 -22.09 6.28
CA GLU B 121 31.40 -21.32 5.98
C GLU B 121 31.69 -20.15 5.05
N LEU B 122 32.85 -19.50 5.23
CA LEU B 122 33.20 -18.40 4.33
C LEU B 122 33.51 -18.84 2.90
N ASP B 123 34.00 -20.07 2.75
CA ASP B 123 34.03 -20.76 1.46
C ASP B 123 32.71 -20.85 0.70
N MET B 124 31.58 -20.75 1.41
CA MET B 124 30.28 -20.78 0.74
C MET B 124 29.89 -19.42 0.16
N PHE B 125 30.62 -18.37 0.51
CA PHE B 125 30.33 -17.01 0.11
C PHE B 125 31.61 -16.40 -0.45
N PRO B 126 31.93 -16.58 -1.74
CA PRO B 126 33.30 -16.33 -2.23
C PRO B 126 33.74 -14.87 -2.31
N ASP B 127 32.82 -13.94 -2.12
CA ASP B 127 33.19 -12.52 -2.08
C ASP B 127 33.71 -12.08 -0.71
N TYR B 128 33.54 -12.89 0.33
CA TYR B 128 33.58 -12.37 1.70
C TYR B 128 34.55 -13.16 2.56
N GLY B 129 35.37 -12.44 3.31
CA GLY B 129 36.48 -13.05 4.04
C GLY B 129 36.36 -13.03 5.56
N TYR B 130 35.27 -12.45 6.05
CA TYR B 130 35.01 -12.40 7.48
C TYR B 130 33.49 -12.45 7.69
N GLY B 131 33.04 -13.11 8.75
CA GLY B 131 31.63 -12.98 9.08
C GLY B 131 31.26 -13.44 10.48
N TRP B 132 30.02 -13.16 10.84
CA TRP B 132 29.41 -13.66 12.07
C TRP B 132 28.28 -14.63 11.73
N PHE B 133 27.88 -15.39 12.74
CA PHE B 133 26.67 -16.22 12.69
C PHE B 133 25.96 -16.10 14.04
N HIS B 134 24.63 -16.00 14.02
CA HIS B 134 23.83 -15.91 15.24
C HIS B 134 22.37 -16.25 14.93
N THR B 135 21.56 -16.42 15.97
CA THR B 135 20.12 -16.64 15.85
C THR B 135 19.43 -15.40 16.42
N SER B 136 18.61 -14.75 15.59
CA SER B 136 17.85 -13.59 15.97
C SER B 136 16.35 -13.86 15.77
N LEU B 137 15.59 -12.77 15.79
CA LEU B 137 14.14 -12.76 15.65
C LEU B 137 13.76 -11.92 14.42
N ILE B 138 12.73 -12.33 13.70
CA ILE B 138 12.03 -11.43 12.78
C ILE B 138 10.68 -11.08 13.40
N LEU B 139 10.27 -9.84 13.19
CA LEU B 139 8.93 -9.38 13.50
C LEU B 139 8.41 -8.64 12.27
N GLU B 140 7.58 -9.31 11.48
CA GLU B 140 7.04 -8.74 10.24
C GLU B 140 6.24 -7.46 10.51
N GLY B 141 6.68 -6.34 9.96
CA GLY B 141 6.13 -5.07 10.41
C GLY B 141 4.70 -4.79 9.99
N LYS B 142 4.32 -5.39 8.87
CA LYS B 142 2.95 -5.31 8.39
C LYS B 142 1.95 -6.00 9.32
N ASN B 143 2.29 -7.24 9.66
CA ASN B 143 1.37 -8.09 10.41
C ASN B 143 1.40 -7.75 11.90
N TYR B 144 2.53 -7.23 12.35
CA TYR B 144 2.61 -6.68 13.70
C TYR B 144 1.76 -5.43 13.87
N LEU B 145 1.76 -4.56 12.85
CA LEU B 145 0.85 -3.41 12.82
C LEU B 145 -0.61 -3.72 12.93
N GLN B 146 -0.94 -4.78 12.33
CA GLN B 146 -2.30 -5.41 12.34
CA GLN B 146 -2.30 -5.39 12.36
C GLN B 146 -2.65 -5.94 13.73
N TRP B 147 -1.76 -6.73 14.33
CA TRP B 147 -1.94 -7.18 15.72
C TRP B 147 -2.06 -6.03 16.71
N LEU B 148 -1.24 -5.00 16.52
CA LEU B 148 -1.34 -3.78 17.31
C LEU B 148 -2.67 -3.06 17.11
N THR B 149 -3.09 -2.96 15.85
CA THR B 149 -4.39 -2.37 15.51
C THR B 149 -5.57 -3.13 16.14
N GLU B 150 -5.52 -4.46 16.10
CA GLU B 150 -6.50 -5.30 16.82
C GLU B 150 -6.54 -5.02 18.32
N ARG B 151 -5.36 -5.01 18.95
CA ARG B 151 -5.24 -4.74 20.38
C ARG B 151 -5.70 -3.35 20.79
N LEU B 152 -5.40 -2.36 19.97
CA LEU B 152 -5.90 -1.00 20.20
C LEU B 152 -7.42 -0.90 20.08
N THR B 153 -7.98 -1.58 19.07
CA THR B 153 -9.41 -1.47 18.80
C THR B 153 -10.22 -2.21 19.87
N GLU B 154 -9.72 -3.37 20.32
CA GLU B 154 -10.29 -4.10 21.45
C GLU B 154 -10.30 -3.34 22.78
N ARG B 155 -9.43 -2.36 22.88
CA ARG B 155 -9.28 -1.56 24.09
C ARG B 155 -10.03 -0.23 24.01
N GLY B 156 -10.58 0.12 22.86
CA GLY B 156 -11.34 1.35 22.78
C GLY B 156 -10.57 2.57 22.29
N VAL B 157 -9.31 2.37 21.94
CA VAL B 157 -8.52 3.42 21.32
C VAL B 157 -9.01 3.61 19.88
N LYS B 158 -9.44 4.82 19.57
CA LYS B 158 -10.13 5.08 18.32
C LYS B 158 -9.17 5.67 17.29
N PHE B 159 -9.37 5.27 16.04
CA PHE B 159 -8.47 5.61 14.95
C PHE B 159 -9.19 6.59 14.03
N PHE B 160 -8.47 7.61 13.57
CA PHE B 160 -9.02 8.63 12.70
C PHE B 160 -8.02 8.93 11.60
N GLN B 161 -8.47 8.98 10.35
CA GLN B 161 -7.54 9.26 9.24
C GLN B 161 -7.57 10.75 8.95
N ARG B 162 -6.48 11.41 9.33
CA ARG B 162 -6.34 12.85 9.12
C ARG B 162 -4.87 13.22 9.14
N LYS B 163 -4.50 14.18 8.30
CA LYS B 163 -3.15 14.72 8.32
C LYS B 163 -3.16 15.97 9.19
N VAL B 164 -2.27 15.98 10.16
CA VAL B 164 -2.14 17.09 11.10
C VAL B 164 -1.19 18.12 10.51
N GLU B 165 -1.54 19.38 10.69
CA GLU B 165 -0.71 20.50 10.26
C GLU B 165 0.14 21.07 11.39
N SER B 166 -0.41 21.07 12.60
CA SER B 166 0.24 21.70 13.74
C SER B 166 -0.12 20.98 15.02
N PHE B 167 0.72 21.15 16.04
CA PHE B 167 0.31 20.70 17.37
C PHE B 167 -0.71 21.64 17.97
N GLU B 168 -0.66 22.91 17.59
CA GLU B 168 -1.65 23.91 17.97
C GLU B 168 -3.06 23.56 17.52
N GLU B 169 -3.18 23.02 16.30
CA GLU B 169 -4.43 22.42 15.84
C GLU B 169 -5.06 21.46 16.84
N VAL B 170 -4.28 20.47 17.22
CA VAL B 170 -4.75 19.41 18.11
C VAL B 170 -4.85 19.87 19.57
N ALA B 171 -4.02 20.85 19.95
CA ALA B 171 -4.12 21.50 21.25
C ALA B 171 -5.43 22.25 21.43
N ARG B 172 -5.86 22.94 20.37
CA ARG B 172 -7.14 23.63 20.40
C ARG B 172 -8.34 22.72 20.18
N GLU B 173 -8.10 21.43 19.97
CA GLU B 173 -9.15 20.43 20.17
C GLU B 173 -9.17 19.88 21.60
N GLY B 174 -8.25 20.31 22.45
CA GLY B 174 -8.34 19.96 23.85
C GLY B 174 -7.51 18.76 24.27
N ALA B 175 -6.51 18.41 23.45
CA ALA B 175 -5.60 17.33 23.82
C ALA B 175 -4.62 17.79 24.90
N ASP B 176 -4.61 17.06 26.01
CA ASP B 176 -3.63 17.27 27.07
C ASP B 176 -2.24 16.78 26.67
N VAL B 177 -2.18 15.56 26.16
CA VAL B 177 -0.90 15.02 25.68
C VAL B 177 -1.04 14.80 24.18
N ILE B 178 -0.08 15.31 23.42
CA ILE B 178 0.10 14.84 22.05
C ILE B 178 1.33 13.94 22.08
N VAL B 179 1.19 12.70 21.64
CA VAL B 179 2.34 11.83 21.47
C VAL B 179 2.72 11.87 19.98
N ASN B 180 3.85 12.49 19.68
CA ASN B 180 4.28 12.71 18.30
C ASN B 180 5.18 11.56 17.84
N CYS B 181 4.61 10.72 16.97
CA CYS B 181 5.29 9.58 16.39
C CYS B 181 5.17 9.60 14.88
N THR B 182 5.57 10.72 14.30
CA THR B 182 5.35 10.98 12.88
C THR B 182 6.46 10.46 11.97
N GLY B 183 7.49 9.84 12.55
CA GLY B 183 8.51 9.19 11.73
C GLY B 183 9.42 10.16 10.99
N VAL B 184 9.62 9.84 9.72
CA VAL B 184 10.49 10.63 8.85
C VAL B 184 9.89 11.99 8.48
N TRP B 185 8.57 12.12 8.63
CA TRP B 185 7.84 13.31 8.22
C TRP B 185 7.60 14.29 9.37
N ALA B 186 8.26 14.09 10.50
CA ALA B 186 8.06 14.95 11.68
C ALA B 186 8.45 16.42 11.50
N GLY B 187 9.33 16.68 10.53
CA GLY B 187 9.67 18.02 10.11
C GLY B 187 8.54 18.95 9.71
N ALA B 188 7.39 18.36 9.38
CA ALA B 188 6.21 19.14 9.05
C ALA B 188 5.50 19.75 10.25
N LEU B 189 5.57 19.08 11.40
CA LEU B 189 4.92 19.62 12.59
C LEU B 189 5.86 20.53 13.37
N GLN B 190 7.15 20.34 13.16
CA GLN B 190 8.20 21.15 13.76
C GLN B 190 9.47 20.78 13.04
N ARG B 191 10.15 21.77 12.48
CA ARG B 191 11.41 21.57 11.77
C ARG B 191 12.47 20.91 12.64
N ASP B 192 12.90 19.73 12.24
CA ASP B 192 14.01 19.04 12.89
C ASP B 192 15.11 18.89 11.84
N PRO B 193 16.20 19.67 11.91
CA PRO B 193 17.28 19.57 10.93
C PRO B 193 18.16 18.33 11.07
N LEU B 194 18.00 17.60 12.17
CA LEU B 194 18.73 16.34 12.34
C LEU B 194 18.00 15.17 11.65
N LEU B 195 16.74 15.36 11.29
CA LEU B 195 15.92 14.32 10.67
C LEU B 195 16.01 14.41 9.14
N GLN B 196 16.25 13.28 8.50
CA GLN B 196 16.21 13.17 7.03
C GLN B 196 15.69 11.82 6.57
N PRO B 197 15.25 11.68 5.30
CA PRO B 197 14.90 10.37 4.77
C PRO B 197 16.16 9.61 4.35
N GLY B 198 16.14 8.32 4.60
CA GLY B 198 17.09 7.43 3.97
C GLY B 198 16.29 6.48 3.12
N ARG B 199 16.28 6.72 1.82
CA ARG B 199 15.40 5.97 0.93
C ARG B 199 15.88 4.53 0.79
N GLY B 200 14.94 3.62 0.97
CA GLY B 200 15.18 2.19 0.74
C GLY B 200 14.20 1.66 -0.28
N GLN B 201 14.60 0.57 -0.93
CA GLN B 201 13.75 -0.16 -1.86
C GLN B 201 13.99 -1.65 -1.60
N ILE B 202 12.90 -2.42 -1.56
CA ILE B 202 12.96 -3.86 -1.39
C ILE B 202 12.17 -4.55 -2.50
N MET B 203 12.51 -5.81 -2.67
CA MET B 203 11.85 -6.70 -3.60
C MET B 203 11.43 -7.93 -2.79
N LYS B 204 10.21 -8.41 -3.00
CA LYS B 204 9.70 -9.59 -2.30
C LYS B 204 9.65 -10.74 -3.30
N VAL B 205 10.20 -11.90 -2.94
CA VAL B 205 10.46 -13.00 -3.85
C VAL B 205 9.92 -14.31 -3.26
N ASP B 206 9.31 -15.15 -4.08
CA ASP B 206 9.06 -16.55 -3.71
C ASP B 206 10.36 -17.34 -3.80
N ALA B 207 10.93 -17.64 -2.64
CA ALA B 207 12.07 -18.55 -2.59
C ALA B 207 12.05 -19.31 -1.28
N PRO B 208 11.08 -20.21 -1.07
CA PRO B 208 10.81 -20.75 0.25
C PRO B 208 11.79 -21.81 0.78
N TRP B 209 12.77 -22.15 -0.04
CA TRP B 209 13.87 -23.00 0.40
C TRP B 209 14.93 -22.24 1.22
N MET B 210 14.79 -20.93 1.32
CA MET B 210 15.75 -20.09 2.01
C MET B 210 15.41 -20.02 3.50
N LYS B 211 16.34 -20.49 4.32
CA LYS B 211 16.12 -20.58 5.76
C LYS B 211 17.02 -19.66 6.57
N HIS B 212 17.99 -19.01 5.92
CA HIS B 212 18.88 -18.11 6.62
C HIS B 212 18.75 -16.70 6.07
N PHE B 213 18.83 -15.70 6.95
CA PHE B 213 19.15 -14.37 6.44
C PHE B 213 20.62 -14.28 6.05
N ILE B 214 20.88 -13.44 5.06
CA ILE B 214 22.23 -13.28 4.54
C ILE B 214 22.40 -11.79 4.31
N LEU B 215 23.09 -11.12 5.23
CA LEU B 215 23.35 -9.68 5.08
C LEU B 215 24.81 -9.48 4.67
N THR B 216 25.08 -8.58 3.74
CA THR B 216 26.46 -8.26 3.34
C THR B 216 26.81 -6.81 3.68
N HIS B 217 28.11 -6.54 3.83
CA HIS B 217 28.60 -5.24 4.28
C HIS B 217 29.80 -4.75 3.48
N ASP B 218 29.67 -3.59 2.85
CA ASP B 218 30.74 -2.89 2.14
C ASP B 218 30.80 -1.44 2.61
N PRO B 219 31.88 -0.95 3.23
CA PRO B 219 31.90 0.45 3.68
C PRO B 219 32.14 1.46 2.57
N GLU B 220 32.47 1.00 1.36
CA GLU B 220 32.55 1.89 0.20
C GLU B 220 31.16 2.22 -0.36
N ARG B 221 30.18 1.42 0.03
CA ARG B 221 28.79 1.68 -0.32
C ARG B 221 28.05 2.38 0.82
N GLY B 222 28.42 2.06 2.06
CA GLY B 222 27.69 2.57 3.23
C GLY B 222 26.77 1.49 3.78
N ILE B 223 26.39 1.58 5.07
CA ILE B 223 25.49 0.56 5.62
C ILE B 223 24.10 0.60 4.97
N TYR B 224 23.56 -0.59 4.77
CA TYR B 224 22.29 -0.79 4.08
C TYR B 224 22.35 -0.69 2.57
N ASN B 225 23.51 -0.39 2.00
CA ASN B 225 23.65 -0.18 0.56
C ASN B 225 24.48 -1.31 -0.06
N SER B 226 24.41 -2.48 0.56
CA SER B 226 25.02 -3.71 0.10
C SER B 226 23.94 -4.79 0.15
N PRO B 227 23.94 -5.83 -0.72
CA PRO B 227 22.82 -6.75 -0.83
C PRO B 227 22.48 -7.56 0.41
N TYR B 228 21.20 -7.80 0.61
CA TYR B 228 20.73 -8.61 1.71
C TYR B 228 19.55 -9.48 1.31
N ILE B 229 19.44 -10.63 1.98
CA ILE B 229 18.40 -11.62 1.70
C ILE B 229 17.79 -12.01 3.04
N ILE B 230 16.48 -11.86 3.20
CA ILE B 230 15.82 -12.03 4.50
C ILE B 230 14.53 -12.83 4.31
N PRO B 231 14.53 -14.15 4.53
CA PRO B 231 13.31 -14.97 4.51
C PRO B 231 12.25 -14.49 5.50
N GLY B 232 11.05 -14.28 5.01
CA GLY B 232 9.92 -14.01 5.88
C GLY B 232 9.05 -15.24 5.98
N THR B 233 7.88 -15.06 6.58
CA THR B 233 6.98 -16.17 6.79
CA THR B 233 6.95 -16.16 6.78
C THR B 233 6.37 -16.76 5.51
N GLN B 234 6.23 -15.94 4.47
CA GLN B 234 5.66 -16.43 3.21
C GLN B 234 6.49 -16.00 1.99
N THR B 235 7.30 -14.96 2.12
CA THR B 235 8.05 -14.42 0.99
C THR B 235 9.44 -13.98 1.49
N VAL B 236 10.45 -14.01 0.63
CA VAL B 236 11.80 -13.59 1.02
C VAL B 236 11.99 -12.14 0.58
N THR B 237 12.51 -11.31 1.47
CA THR B 237 12.81 -9.92 1.11
C THR B 237 14.25 -9.88 0.58
N LEU B 238 14.40 -9.36 -0.62
CA LEU B 238 15.68 -8.98 -1.20
C LEU B 238 15.78 -7.46 -1.05
N GLY B 239 16.87 -6.96 -0.49
CA GLY B 239 17.08 -5.51 -0.45
C GLY B 239 18.53 -5.11 -0.52
N GLY B 240 18.80 -3.87 -0.13
CA GLY B 240 20.18 -3.38 -0.09
C GLY B 240 20.42 -2.05 -0.77
N ILE B 241 19.55 -1.05 -0.55
CA ILE B 241 19.80 0.30 -1.02
CA ILE B 241 19.83 0.29 -1.03
C ILE B 241 19.63 1.36 0.07
N PHE B 242 20.51 2.36 0.08
CA PHE B 242 20.38 3.55 0.95
C PHE B 242 20.75 4.80 0.16
N GLN B 243 19.84 5.78 0.09
CA GLN B 243 20.20 7.14 -0.32
C GLN B 243 19.68 8.16 0.69
N LEU B 244 20.57 8.95 1.29
CA LEU B 244 20.16 10.02 2.22
C LEU B 244 19.58 11.18 1.42
N GLY B 245 18.42 11.66 1.85
CA GLY B 245 17.89 12.88 1.27
C GLY B 245 17.10 12.69 0.00
N ASN B 246 16.73 11.44 -0.28
CA ASN B 246 15.95 11.12 -1.46
C ASN B 246 14.52 10.87 -1.00
N TRP B 247 13.60 11.61 -1.61
CA TRP B 247 12.21 11.65 -1.19
C TRP B 247 11.25 11.06 -2.24
N SER B 248 11.77 10.38 -3.25
CA SER B 248 10.91 9.83 -4.30
C SER B 248 10.29 8.52 -3.87
N GLU B 249 8.97 8.50 -3.68
CA GLU B 249 8.28 7.26 -3.27
C GLU B 249 7.81 6.52 -4.53
N LEU B 250 8.80 5.97 -5.21
CA LEU B 250 8.64 5.40 -6.54
C LEU B 250 9.69 4.34 -6.66
N ASN B 251 9.27 3.14 -7.06
CA ASN B 251 10.23 2.07 -7.36
C ASN B 251 10.92 2.33 -8.69
N ASN B 252 12.23 2.07 -8.77
CA ASN B 252 12.99 2.33 -10.01
C ASN B 252 13.79 1.13 -10.49
N ILE B 253 14.03 1.10 -11.81
CA ILE B 253 14.64 -0.08 -12.42
C ILE B 253 16.11 -0.25 -12.06
N GLN B 254 16.85 0.85 -11.90
CA GLN B 254 18.26 0.76 -11.55
C GLN B 254 18.48 0.13 -10.16
N ASP B 255 17.65 0.53 -9.20
CA ASP B 255 17.77 -0.02 -7.85
C ASP B 255 17.22 -1.44 -7.80
N HIS B 256 16.16 -1.73 -8.56
CA HIS B 256 15.69 -3.11 -8.78
C HIS B 256 16.79 -4.01 -9.32
N ASN B 257 17.43 -3.55 -10.38
CA ASN B 257 18.51 -4.27 -11.03
C ASN B 257 19.71 -4.47 -10.13
N THR B 258 20.05 -3.44 -9.37
CA THR B 258 21.10 -3.51 -8.35
C THR B 258 20.81 -4.57 -7.29
N ILE B 259 19.59 -4.57 -6.77
CA ILE B 259 19.21 -5.56 -5.77
C ILE B 259 19.12 -6.98 -6.36
N TRP B 260 18.53 -7.11 -7.56
CA TRP B 260 18.47 -8.40 -8.23
C TRP B 260 19.84 -9.02 -8.47
N GLU B 261 20.69 -8.26 -9.15
CA GLU B 261 22.05 -8.70 -9.42
C GLU B 261 22.89 -8.97 -8.18
N GLY B 262 22.70 -8.14 -7.14
CA GLY B 262 23.46 -8.33 -5.93
C GLY B 262 23.06 -9.53 -5.10
N CYS B 263 21.75 -9.76 -5.01
CA CYS B 263 21.27 -10.95 -4.30
C CYS B 263 21.45 -12.24 -5.08
N CYS B 264 21.39 -12.16 -6.41
CA CYS B 264 21.71 -13.32 -7.24
C CYS B 264 23.19 -13.68 -7.29
N ARG B 265 24.05 -12.67 -7.10
CA ARG B 265 25.46 -12.94 -6.81
C ARG B 265 25.69 -13.63 -5.47
N LEU B 266 24.86 -13.30 -4.48
CA LEU B 266 25.03 -13.88 -3.15
C LEU B 266 24.49 -15.31 -3.08
N GLU B 267 23.30 -15.52 -3.62
CA GLU B 267 22.68 -16.84 -3.65
C GLU B 267 22.10 -17.10 -5.04
N PRO B 268 22.87 -17.68 -5.98
CA PRO B 268 22.40 -17.99 -7.32
C PRO B 268 21.11 -18.76 -7.54
N THR B 269 20.61 -19.50 -6.54
CA THR B 269 19.27 -20.09 -6.63
C THR B 269 18.13 -19.07 -6.80
N LEU B 270 18.34 -17.85 -6.30
CA LEU B 270 17.37 -16.76 -6.46
C LEU B 270 17.08 -16.38 -7.91
N LYS B 271 17.97 -16.73 -8.84
CA LYS B 271 17.74 -16.47 -10.27
C LYS B 271 16.42 -17.02 -10.82
N ASN B 272 15.93 -18.07 -10.18
CA ASN B 272 14.74 -18.78 -10.61
C ASN B 272 13.53 -18.48 -9.72
N ALA B 273 13.60 -17.40 -8.94
CA ALA B 273 12.55 -17.08 -8.00
C ALA B 273 11.49 -16.13 -8.59
N ARG B 274 10.22 -16.40 -8.34
CA ARG B 274 9.16 -15.47 -8.75
C ARG B 274 9.13 -14.23 -7.86
N ILE B 275 9.39 -13.08 -8.46
CA ILE B 275 9.24 -11.77 -7.82
C ILE B 275 7.75 -11.47 -7.61
N ILE B 276 7.40 -11.02 -6.41
CA ILE B 276 6.01 -10.90 -5.97
C ILE B 276 5.62 -9.44 -5.86
N GLY B 277 6.32 -8.71 -5.00
CA GLY B 277 6.07 -7.29 -4.81
C GLY B 277 7.36 -6.51 -4.73
N GLU B 278 7.21 -5.20 -4.83
CA GLU B 278 8.33 -4.29 -4.74
CA GLU B 278 8.30 -4.24 -4.83
C GLU B 278 7.85 -3.07 -3.96
N ARG B 279 8.68 -2.58 -3.06
CA ARG B 279 8.26 -1.51 -2.15
C ARG B 279 9.39 -0.54 -1.89
N THR B 280 9.06 0.75 -1.88
CA THR B 280 9.97 1.83 -1.51
C THR B 280 9.46 2.47 -0.22
N GLY B 281 10.35 2.71 0.73
CA GLY B 281 10.03 3.57 1.86
C GLY B 281 11.21 4.39 2.35
N PHE B 282 10.97 5.24 3.34
CA PHE B 282 12.00 6.19 3.81
C PHE B 282 12.30 5.96 5.27
N ARG B 283 13.53 5.55 5.53
CA ARG B 283 14.00 5.38 6.91
C ARG B 283 14.07 6.75 7.61
N PRO B 284 13.55 6.90 8.84
CA PRO B 284 13.65 8.16 9.59
C PRO B 284 15.01 8.38 10.22
N VAL B 285 15.99 8.77 9.40
CA VAL B 285 17.37 8.85 9.83
C VAL B 285 17.57 10.06 10.73
N ARG B 286 18.19 9.82 11.88
CA ARG B 286 18.47 10.85 12.88
C ARG B 286 19.74 10.39 13.62
N PRO B 287 20.65 11.26 14.10
CA PRO B 287 21.88 10.87 14.82
C PRO B 287 21.67 10.00 16.06
N GLN B 288 20.62 10.33 16.80
CA GLN B 288 20.01 9.48 17.79
C GLN B 288 18.52 9.73 17.68
N ILE B 289 17.72 8.88 18.31
CA ILE B 289 16.27 9.04 18.36
C ILE B 289 15.88 10.31 19.13
N ARG B 290 14.85 11.03 18.66
CA ARG B 290 14.27 12.08 19.47
C ARG B 290 13.21 11.45 20.37
N LEU B 291 13.52 11.41 21.65
CA LEU B 291 12.65 10.79 22.65
C LEU B 291 12.70 11.63 23.91
N GLU B 292 11.94 12.72 23.88
CA GLU B 292 11.93 13.73 24.93
C GLU B 292 10.52 14.27 25.13
N ARG B 293 10.32 14.93 26.27
CA ARG B 293 9.14 15.78 26.41
C ARG B 293 9.43 17.19 25.89
N GLU B 294 8.40 17.81 25.37
CA GLU B 294 8.39 19.23 25.07
C GLU B 294 7.02 19.77 25.38
N GLN B 295 6.94 20.70 26.32
CA GLN B 295 5.69 21.40 26.58
C GLN B 295 5.46 22.50 25.56
N LEU B 296 4.23 22.52 25.05
CA LEU B 296 3.77 23.57 24.18
C LEU B 296 2.74 24.36 24.96
N ARG B 297 3.04 25.62 25.19
CA ARG B 297 2.15 26.51 25.93
C ARG B 297 1.32 27.36 24.97
N THR B 298 0.91 26.74 23.87
CA THR B 298 0.21 27.39 22.78
C THR B 298 -1.29 27.37 23.03
N GLY B 299 -1.77 28.41 23.70
CA GLY B 299 -3.16 28.46 24.15
C GLY B 299 -3.24 28.23 25.65
N PRO B 300 -4.43 28.38 26.27
CA PRO B 300 -4.53 28.51 27.72
C PRO B 300 -4.12 27.27 28.51
N SER B 301 -4.82 26.17 28.25
CA SER B 301 -4.41 24.89 28.79
C SER B 301 -3.35 24.32 27.86
N ASN B 302 -2.23 23.87 28.43
CA ASN B 302 -1.05 23.52 27.64
C ASN B 302 -1.15 22.10 27.13
N THR B 303 -0.35 21.79 26.12
CA THR B 303 -0.22 20.43 25.65
C THR B 303 1.22 19.99 25.89
N GLU B 304 1.35 18.75 26.35
CA GLU B 304 2.65 18.13 26.44
C GLU B 304 2.85 17.33 25.18
N VAL B 305 3.81 17.74 24.36
CA VAL B 305 4.21 16.91 23.24
C VAL B 305 5.26 15.94 23.77
N ILE B 306 4.95 14.65 23.70
CA ILE B 306 5.97 13.63 23.94
C ILE B 306 6.46 13.26 22.54
N HIS B 307 7.74 13.53 22.28
CA HIS B 307 8.31 13.18 20.98
C HIS B 307 8.82 11.75 21.01
N ASN B 308 8.61 11.02 19.92
CA ASN B 308 9.13 9.67 19.78
C ASN B 308 9.28 9.37 18.29
N TYR B 309 10.33 9.90 17.69
CA TYR B 309 10.61 9.69 16.27
C TYR B 309 12.12 9.72 16.01
N GLY B 310 12.53 9.18 14.87
CA GLY B 310 13.93 9.24 14.47
C GLY B 310 14.64 7.91 14.50
N HIS B 311 13.91 6.87 14.16
CA HIS B 311 14.32 5.49 14.46
C HIS B 311 15.11 4.80 13.36
N GLY B 312 15.52 5.55 12.34
CA GLY B 312 16.45 5.10 11.32
C GLY B 312 16.13 3.77 10.66
N GLY B 313 17.13 2.90 10.64
CA GLY B 313 16.93 1.57 10.09
C GLY B 313 16.66 0.52 11.14
N TYR B 314 16.19 0.94 12.31
CA TYR B 314 16.14 0.03 13.46
C TYR B 314 14.85 0.15 14.26
N GLY B 315 13.78 0.57 13.60
CA GLY B 315 12.55 0.86 14.31
C GLY B 315 11.84 -0.33 14.91
N LEU B 316 11.69 -1.41 14.15
CA LEU B 316 11.16 -2.64 14.72
C LEU B 316 12.07 -3.28 15.77
N THR B 317 13.37 -3.07 15.61
CA THR B 317 14.39 -3.55 16.55
C THR B 317 14.32 -2.88 17.93
N ILE B 318 13.76 -1.67 18.00
CA ILE B 318 13.91 -0.82 19.18
C ILE B 318 12.60 -0.29 19.75
N HIS B 319 11.50 -0.65 19.10
CA HIS B 319 10.20 -0.02 19.33
C HIS B 319 9.67 -0.12 20.76
N TRP B 320 9.90 -1.26 21.39
CA TRP B 320 9.29 -1.53 22.66
C TRP B 320 9.99 -0.79 23.78
N GLY B 321 11.31 -0.70 23.70
CA GLY B 321 12.03 0.06 24.72
C GLY B 321 11.78 1.56 24.64
N CYS B 322 11.62 2.04 23.41
CA CYS B 322 11.12 3.39 23.19
C CYS B 322 9.70 3.63 23.70
N ALA B 323 8.84 2.64 23.53
CA ALA B 323 7.48 2.71 24.05
C ALA B 323 7.41 2.80 25.57
N LEU B 324 8.25 2.00 26.22
CA LEU B 324 8.32 2.01 27.68
C LEU B 324 8.84 3.33 28.24
N GLU B 325 9.84 3.89 27.57
CA GLU B 325 10.36 5.20 27.92
C GLU B 325 9.32 6.31 27.74
N ALA B 326 8.61 6.24 26.63
CA ALA B 326 7.50 7.16 26.38
C ALA B 326 6.34 7.03 27.36
N ALA B 327 6.03 5.79 27.75
CA ALA B 327 5.08 5.52 28.82
C ALA B 327 5.48 6.09 30.17
N LYS B 328 6.77 6.00 30.49
CA LYS B 328 7.31 6.63 31.70
C LYS B 328 7.21 8.16 31.67
N LEU B 329 7.44 8.77 30.50
CA LEU B 329 7.26 10.22 30.36
C LEU B 329 5.81 10.66 30.51
N PHE B 330 4.91 9.84 30.00
CA PHE B 330 3.47 10.02 30.19
C PHE B 330 3.05 9.95 31.66
N GLY B 331 3.71 9.09 32.42
CA GLY B 331 3.39 8.96 33.83
C GLY B 331 3.90 10.11 34.67
N ARG B 332 5.04 10.65 34.27
CA ARG B 332 5.52 11.92 34.81
C ARG B 332 4.55 13.09 34.62
N ILE B 333 3.98 13.18 33.42
CA ILE B 333 2.93 14.15 33.13
C ILE B 333 1.67 13.92 33.97
N LEU B 334 1.32 12.66 34.20
CA LEU B 334 0.22 12.33 35.11
C LEU B 334 0.44 12.75 36.55
N GLU B 335 1.69 12.71 37.03
CA GLU B 335 1.97 13.22 38.36
C GLU B 335 1.97 14.74 38.42
N GLU B 336 2.44 15.37 37.35
CA GLU B 336 2.51 16.83 37.31
C GLU B 336 1.16 17.50 37.12
N LYS B 337 0.33 16.96 36.24
CA LYS B 337 -1.06 17.43 36.14
C LYS B 337 -1.92 16.90 37.29
N LYS B 338 -1.42 15.91 38.02
CA LYS B 338 -1.98 15.38 39.26
C LYS B 338 -3.33 14.68 39.03
#